data_5DCQ
#
_entry.id   5DCQ
#
_cell.length_a   113.688
_cell.length_b   113.688
_cell.length_c   152.623
_cell.angle_alpha   90.000
_cell.angle_beta   90.000
_cell.angle_gamma   120.000
#
_symmetry.space_group_name_H-M   'P 61'
#
loop_
_entity.id
_entity.type
_entity.pdbx_description
1 polymer 'artificial repeat proteins (alphaREP3)'
2 polymer 'Fibronectin-binding protein'
3 non-polymer 'FORMIC ACID'
4 water water
#
loop_
_entity_poly.entity_id
_entity_poly.type
_entity_poly.pdbx_seq_one_letter_code
_entity_poly.pdbx_strand_id
1 'polypeptide(L)'
;MRGSHHHHHHTDPEKVEMYIKNLQDDSSVVRVTAATALGKIGDERAVEPLIKALKDEDWQVRVSAAWALGKIGDERAVEP
LIKALKDEDSDVRMAAAKALGKIGDERAVEPLIKALKDEDSDVRRTAAYALGEIGGERVRAAMEKLAETGTGFARKVAVN
YLETHKSLIS
;
A,B,C
2 'polypeptide(L)'
;ALYYGWNDGTRQSSPYFLYVSPKNAPKRELKDEYVVYCFNKKLYWPDQWESIYSNFNDIRSPYNDLPVYEKKLGYDGIFK
QYAPDYKKDISDIASALVAVLSNGYPTNKSQLSTSYHLNNDSSRKVTQLAIWYFSDSLTKEYLKDTGGYNLNDMEKKALD
FLISKGEDSKLKSEQSNYSLDIYVYQSGGHDHMKDYQNLLGSTLIPKEPLKPQLGGFSGHNGNGLSGLEGGSSGSQETNE
DGKKGLIGFHGGLSGSEGKRDPFQDHHHHHH
;
D,E,F
#
loop_
_chem_comp.id
_chem_comp.type
_chem_comp.name
_chem_comp.formula
FMT non-polymer 'FORMIC ACID' 'C H2 O2'
#
# COMPACT_ATOMS: atom_id res chain seq x y z
N THR A 11 12.84 49.20 14.13
CA THR A 11 13.66 48.62 13.07
C THR A 11 14.84 49.53 12.74
N ASP A 12 16.03 48.96 12.71
CA ASP A 12 17.24 49.68 12.35
C ASP A 12 17.60 49.33 10.90
N PRO A 13 17.39 50.28 9.98
CA PRO A 13 17.68 50.00 8.56
C PRO A 13 19.15 49.62 8.33
N GLU A 14 20.04 50.15 9.17
CA GLU A 14 21.45 49.86 9.04
C GLU A 14 21.76 48.41 9.42
N LYS A 15 21.03 47.88 10.40
CA LYS A 15 21.21 46.48 10.78
C LYS A 15 20.62 45.55 9.73
N VAL A 16 19.47 45.92 9.18
CA VAL A 16 18.87 45.13 8.10
C VAL A 16 19.84 44.99 6.91
N GLU A 17 20.40 46.11 6.47
CA GLU A 17 21.36 46.08 5.36
C GLU A 17 22.57 45.21 5.69
N MET A 18 23.11 45.39 6.89
CA MET A 18 24.28 44.65 7.33
C MET A 18 24.05 43.13 7.29
N TYR A 19 22.95 42.67 7.87
CA TYR A 19 22.68 41.24 7.88
C TYR A 19 22.28 40.72 6.50
N ILE A 20 21.61 41.54 5.69
CA ILE A 20 21.32 41.10 4.33
C ILE A 20 22.63 40.84 3.59
N LYS A 21 23.61 41.73 3.77
CA LYS A 21 24.91 41.50 3.16
C LYS A 21 25.61 40.30 3.78
N ASN A 22 25.43 40.08 5.08
CA ASN A 22 26.09 38.93 5.72
C ASN A 22 25.56 37.60 5.20
N LEU A 23 24.40 37.60 4.55
CA LEU A 23 23.89 36.37 3.94
C LEU A 23 24.76 35.96 2.75
N GLN A 24 25.65 36.85 2.30
CA GLN A 24 26.56 36.53 1.19
C GLN A 24 27.90 35.96 1.67
N ASP A 25 28.08 35.90 2.98
CA ASP A 25 29.33 35.44 3.58
C ASP A 25 29.54 33.97 3.22
N ASP A 26 30.78 33.60 2.94
CA ASP A 26 31.11 32.22 2.60
C ASP A 26 31.02 31.28 3.82
N SER A 27 31.02 31.84 5.02
CA SER A 27 30.90 31.03 6.24
C SER A 27 29.44 30.79 6.68
N SER A 28 29.02 29.53 6.75
CA SER A 28 27.62 29.21 7.10
C SER A 28 27.17 29.75 8.47
N VAL A 29 28.05 29.77 9.47
CA VAL A 29 27.63 30.27 10.78
C VAL A 29 27.28 31.77 10.71
N VAL A 30 27.97 32.50 9.85
CA VAL A 30 27.66 33.92 9.65
C VAL A 30 26.29 34.06 8.99
N ARG A 31 26.01 33.21 8.00
CA ARG A 31 24.71 33.24 7.33
C ARG A 31 23.59 32.84 8.29
N VAL A 32 23.85 31.87 9.18
CA VAL A 32 22.84 31.49 10.17
C VAL A 32 22.49 32.70 11.07
N THR A 33 23.52 33.37 11.55
CA THR A 33 23.31 34.52 12.41
C THR A 33 22.52 35.60 11.67
N ALA A 34 22.83 35.77 10.39
CA ALA A 34 22.21 36.81 9.60
C ALA A 34 20.72 36.50 9.37
N ALA A 35 20.42 35.26 8.99
CA ALA A 35 19.03 34.88 8.76
C ALA A 35 18.21 35.05 10.02
N THR A 36 18.78 34.66 11.15
CA THR A 36 18.08 34.70 12.41
C THR A 36 17.82 36.15 12.80
N ALA A 37 18.84 36.99 12.62
CA ALA A 37 18.71 38.41 12.97
C ALA A 37 17.63 39.08 12.16
N LEU A 38 17.55 38.75 10.87
CA LEU A 38 16.54 39.33 9.99
C LEU A 38 15.13 38.88 10.37
N GLY A 39 14.99 37.61 10.76
CA GLY A 39 13.73 37.13 11.27
C GLY A 39 13.24 37.94 12.46
N LYS A 40 14.15 38.24 13.37
CA LYS A 40 13.83 39.00 14.56
C LYS A 40 13.45 40.44 14.21
N ILE A 41 14.10 41.00 13.20
CA ILE A 41 13.81 42.39 12.85
C ILE A 41 12.45 42.50 12.15
N GLY A 42 12.18 41.57 11.26
CA GLY A 42 10.88 41.48 10.63
C GLY A 42 10.68 42.36 9.40
N ASP A 43 11.75 43.03 8.96
CA ASP A 43 11.71 43.89 7.78
C ASP A 43 11.55 43.07 6.50
N GLU A 44 10.58 43.44 5.66
CA GLU A 44 10.28 42.64 4.47
C GLU A 44 11.33 42.74 3.38
N ARG A 45 12.24 43.71 3.49
CA ARG A 45 13.41 43.78 2.61
C ARG A 45 14.22 42.49 2.61
N ALA A 46 14.15 41.78 3.73
CA ALA A 46 14.90 40.54 3.92
C ALA A 46 14.33 39.36 3.14
N VAL A 47 13.10 39.48 2.67
CA VAL A 47 12.38 38.31 2.17
C VAL A 47 13.05 37.65 0.96
N GLU A 48 13.38 38.40 -0.08
CA GLU A 48 14.00 37.77 -1.24
C GLU A 48 15.39 37.18 -0.91
N PRO A 49 16.26 37.92 -0.21
CA PRO A 49 17.52 37.28 0.22
C PRO A 49 17.31 36.01 1.04
N LEU A 50 16.32 36.00 1.93
CA LEU A 50 16.08 34.82 2.75
C LEU A 50 15.51 33.65 1.94
N ILE A 51 14.72 33.96 0.93
CA ILE A 51 14.19 32.95 0.02
C ILE A 51 15.35 32.26 -0.68
N LYS A 52 16.35 33.04 -1.07
CA LYS A 52 17.56 32.47 -1.67
C LYS A 52 18.30 31.58 -0.67
N ALA A 53 18.39 32.03 0.58
CA ALA A 53 19.08 31.27 1.63
C ALA A 53 18.35 29.96 2.01
N LEU A 54 17.08 29.86 1.65
CA LEU A 54 16.35 28.61 1.80
C LEU A 54 16.94 27.45 1.00
N LYS A 55 17.77 27.77 0.01
N LYS A 55 17.77 27.77 0.01
CA LYS A 55 18.41 26.76 -0.82
CA LYS A 55 18.42 26.75 -0.81
C LYS A 55 19.90 26.58 -0.48
C LYS A 55 19.89 26.56 -0.47
N ASP A 56 20.31 27.06 0.69
CA ASP A 56 21.71 27.01 1.11
C ASP A 56 22.20 25.57 1.25
N GLU A 57 23.49 25.37 1.06
CA GLU A 57 24.01 24.01 1.23
C GLU A 57 23.94 23.57 2.69
N ASP A 58 24.00 24.54 3.59
CA ASP A 58 24.03 24.20 5.01
C ASP A 58 22.63 24.11 5.61
N TRP A 59 22.33 23.00 6.31
CA TRP A 59 20.97 22.77 6.77
C TRP A 59 20.55 23.75 7.86
N GLN A 60 21.50 24.25 8.65
CA GLN A 60 21.11 25.20 9.71
C GLN A 60 20.75 26.55 9.12
N VAL A 61 21.40 26.90 8.00
CA VAL A 61 21.02 28.12 7.30
C VAL A 61 19.59 27.96 6.76
N ARG A 62 19.29 26.81 6.15
CA ARG A 62 17.95 26.56 5.62
C ARG A 62 16.88 26.63 6.72
N VAL A 63 17.15 25.97 7.83
CA VAL A 63 16.23 26.01 8.96
C VAL A 63 16.02 27.46 9.40
N SER A 64 17.13 28.19 9.53
CA SER A 64 17.04 29.54 10.04
C SER A 64 16.36 30.48 9.04
N ALA A 65 16.59 30.25 7.74
CA ALA A 65 15.91 31.05 6.71
C ALA A 65 14.39 30.78 6.73
N ALA A 66 14.00 29.51 6.80
CA ALA A 66 12.58 29.17 6.92
C ALA A 66 11.96 29.83 8.14
N TRP A 67 12.67 29.76 9.27
CA TRP A 67 12.16 30.35 10.51
C TRP A 67 11.91 31.84 10.34
N ALA A 68 12.90 32.53 9.78
CA ALA A 68 12.82 33.97 9.56
C ALA A 68 11.67 34.34 8.63
N LEU A 69 11.47 33.55 7.57
CA LEU A 69 10.38 33.80 6.63
C LEU A 69 9.02 33.62 7.29
N GLY A 70 8.91 32.61 8.16
CA GLY A 70 7.71 32.43 8.96
C GLY A 70 7.46 33.59 9.92
N LYS A 71 8.54 34.08 10.55
CA LYS A 71 8.44 35.25 11.42
C LYS A 71 8.01 36.51 10.66
N ILE A 72 8.52 36.69 9.45
CA ILE A 72 8.20 37.90 8.69
C ILE A 72 6.78 37.81 8.13
N GLY A 73 6.36 36.61 7.77
CA GLY A 73 4.97 36.39 7.40
C GLY A 73 4.56 36.87 6.03
N ASP A 74 5.54 37.24 5.20
CA ASP A 74 5.28 37.66 3.83
C ASP A 74 4.92 36.46 2.97
N GLU A 75 3.82 36.55 2.23
CA GLU A 75 3.33 35.42 1.44
C GLU A 75 4.23 35.03 0.28
N ARG A 76 5.18 35.89 -0.10
CA ARG A 76 6.15 35.54 -1.13
C ARG A 76 6.94 34.29 -0.76
N ALA A 77 7.04 34.01 0.54
CA ALA A 77 7.76 32.84 1.02
C ALA A 77 7.02 31.53 0.81
N VAL A 78 5.73 31.60 0.50
CA VAL A 78 4.88 30.40 0.54
C VAL A 78 5.31 29.29 -0.43
N GLU A 79 5.44 29.59 -1.72
CA GLU A 79 5.84 28.54 -2.66
C GLU A 79 7.29 28.07 -2.38
N PRO A 80 8.22 28.99 -2.08
CA PRO A 80 9.53 28.48 -1.64
C PRO A 80 9.50 27.54 -0.42
N LEU A 81 8.71 27.86 0.60
CA LEU A 81 8.63 27.00 1.78
C LEU A 81 7.96 25.67 1.45
N ILE A 82 7.02 25.69 0.50
CA ILE A 82 6.37 24.46 0.05
C ILE A 82 7.39 23.51 -0.58
N LYS A 83 8.34 24.07 -1.33
CA LYS A 83 9.48 23.30 -1.82
C LYS A 83 10.32 22.76 -0.67
N ALA A 84 10.57 23.61 0.34
CA ALA A 84 11.40 23.22 1.47
C ALA A 84 10.77 22.10 2.29
N LEU A 85 9.46 21.90 2.15
CA LEU A 85 8.75 20.78 2.75
C LEU A 85 9.24 19.45 2.18
N LYS A 86 9.92 19.49 1.02
CA LYS A 86 10.48 18.31 0.39
C LYS A 86 11.98 18.13 0.64
N ASP A 87 12.54 18.96 1.51
CA ASP A 87 13.97 18.90 1.80
C ASP A 87 14.40 17.52 2.31
N GLU A 88 15.62 17.12 1.95
CA GLU A 88 16.19 15.85 2.41
C GLU A 88 16.27 15.80 3.94
N ASP A 89 16.46 16.96 4.55
CA ASP A 89 16.73 17.07 5.99
C ASP A 89 15.43 17.30 6.78
N SER A 90 15.20 16.49 7.81
CA SER A 90 13.93 16.55 8.54
C SER A 90 13.77 17.81 9.39
N ASP A 91 14.88 18.33 9.91
CA ASP A 91 14.78 19.57 10.66
C ASP A 91 14.39 20.74 9.74
N VAL A 92 14.87 20.72 8.50
CA VAL A 92 14.44 21.72 7.53
C VAL A 92 12.95 21.54 7.19
N ARG A 93 12.52 20.30 6.94
CA ARG A 93 11.09 20.07 6.66
C ARG A 93 10.22 20.59 7.82
N MET A 94 10.66 20.32 9.05
CA MET A 94 9.90 20.77 10.21
C MET A 94 9.81 22.29 10.28
N ALA A 95 10.94 22.96 10.07
CA ALA A 95 10.98 24.42 10.09
C ALA A 95 10.10 25.02 8.98
N ALA A 96 10.11 24.39 7.81
CA ALA A 96 9.30 24.88 6.69
C ALA A 96 7.81 24.72 7.01
N ALA A 97 7.44 23.56 7.55
CA ALA A 97 6.03 23.32 7.91
C ALA A 97 5.58 24.34 8.96
N LYS A 98 6.43 24.58 9.95
CA LYS A 98 6.06 25.51 11.02
C LYS A 98 5.87 26.92 10.47
N ALA A 99 6.76 27.32 9.57
CA ALA A 99 6.69 28.65 8.99
C ALA A 99 5.43 28.79 8.14
N LEU A 100 5.05 27.73 7.41
CA LEU A 100 3.87 27.82 6.56
C LEU A 100 2.63 27.95 7.43
N GLY A 101 2.65 27.30 8.59
CA GLY A 101 1.58 27.49 9.57
C GLY A 101 1.45 28.94 10.02
N LYS A 102 2.59 29.56 10.30
CA LYS A 102 2.60 30.94 10.79
C LYS A 102 2.12 31.96 9.75
N ILE A 103 2.46 31.74 8.48
CA ILE A 103 2.08 32.64 7.40
C ILE A 103 0.57 32.57 7.13
N GLY A 104 0.01 31.36 7.25
CA GLY A 104 -1.44 31.21 7.17
C GLY A 104 -2.04 31.14 5.79
N ASP A 105 -1.20 31.09 4.76
CA ASP A 105 -1.68 31.01 3.38
C ASP A 105 -2.19 29.61 3.06
N GLU A 106 -3.41 29.52 2.52
CA GLU A 106 -4.06 28.24 2.31
C GLU A 106 -3.46 27.43 1.15
N ARG A 107 -2.57 28.03 0.38
CA ARG A 107 -1.86 27.27 -0.66
C ARG A 107 -1.02 26.18 0.01
N ALA A 108 -0.77 26.34 1.30
CA ALA A 108 0.03 25.37 2.03
C ALA A 108 -0.75 24.13 2.46
N VAL A 109 -2.07 24.12 2.27
CA VAL A 109 -2.86 23.06 2.89
C VAL A 109 -2.56 21.67 2.31
N GLU A 110 -2.64 21.50 0.99
CA GLU A 110 -2.38 20.18 0.43
C GLU A 110 -0.94 19.68 0.64
N PRO A 111 0.08 20.55 0.49
CA PRO A 111 1.43 20.11 0.89
C PRO A 111 1.55 19.70 2.37
N LEU A 112 0.86 20.39 3.26
CA LEU A 112 0.96 20.05 4.68
C LEU A 112 0.25 18.73 4.96
N ILE A 113 -0.86 18.51 4.27
CA ILE A 113 -1.58 17.23 4.36
C ILE A 113 -0.68 16.07 3.92
N LYS A 114 0.04 16.27 2.82
N LYS A 114 0.05 16.28 2.84
CA LYS A 114 1.01 15.29 2.36
CA LYS A 114 0.98 15.27 2.37
C LYS A 114 2.03 15.00 3.45
C LYS A 114 2.08 15.01 3.41
N ALA A 115 2.48 16.05 4.11
CA ALA A 115 3.50 15.93 5.15
C ALA A 115 3.01 15.15 6.38
N LEU A 116 1.70 14.90 6.47
CA LEU A 116 1.16 14.04 7.51
C LEU A 116 1.64 12.61 7.33
N LYS A 117 2.20 12.32 6.15
CA LYS A 117 2.76 10.99 5.87
C LYS A 117 4.28 10.99 5.91
N ASP A 118 4.87 12.03 6.49
CA ASP A 118 6.33 12.13 6.53
C ASP A 118 6.90 10.97 7.34
N GLU A 119 8.09 10.51 6.98
CA GLU A 119 8.70 9.42 7.73
C GLU A 119 9.13 9.85 9.13
N ASP A 120 9.22 11.16 9.37
CA ASP A 120 9.65 11.65 10.68
C ASP A 120 8.48 12.05 11.57
N SER A 121 8.45 11.51 12.77
CA SER A 121 7.32 11.68 13.68
C SER A 121 7.06 13.15 14.01
N ASP A 122 8.13 13.90 14.19
CA ASP A 122 7.97 15.27 14.65
C ASP A 122 7.66 16.21 13.48
N VAL A 123 8.10 15.83 12.27
CA VAL A 123 7.63 16.56 11.08
C VAL A 123 6.11 16.37 10.94
N ARG A 124 5.63 15.13 11.07
CA ARG A 124 4.19 14.88 11.00
C ARG A 124 3.41 15.72 12.00
N ARG A 125 3.89 15.73 13.25
CA ARG A 125 3.27 16.51 14.32
C ARG A 125 3.24 18.00 13.99
N THR A 126 4.35 18.50 13.45
CA THR A 126 4.46 19.93 13.12
C THR A 126 3.50 20.29 11.99
N ALA A 127 3.38 19.40 11.01
CA ALA A 127 2.49 19.61 9.89
C ALA A 127 1.05 19.67 10.37
N ALA A 128 0.70 18.78 11.29
CA ALA A 128 -0.62 18.79 11.90
C ALA A 128 -0.90 20.11 12.62
N TYR A 129 0.07 20.58 13.41
N TYR A 129 0.07 20.57 13.42
CA TYR A 129 -0.12 21.84 14.13
CA TYR A 129 -0.08 21.83 14.13
C TYR A 129 -0.24 23.02 13.16
C TYR A 129 -0.25 23.01 13.17
N ALA A 130 0.51 22.97 12.06
CA ALA A 130 0.44 24.02 11.06
C ALA A 130 -0.93 24.06 10.37
N LEU A 131 -1.50 22.89 10.11
CA LEU A 131 -2.87 22.81 9.58
C LEU A 131 -3.87 23.44 10.54
N GLY A 132 -3.69 23.16 11.83
CA GLY A 132 -4.52 23.77 12.87
C GLY A 132 -4.37 25.29 12.93
N GLU A 133 -3.14 25.76 12.78
CA GLU A 133 -2.86 27.21 12.76
C GLU A 133 -3.51 27.91 11.58
N ILE A 134 -3.47 27.26 10.41
CA ILE A 134 -4.11 27.81 9.20
C ILE A 134 -5.63 27.81 9.34
N GLY A 135 -6.20 26.69 9.79
CA GLY A 135 -7.64 26.56 9.94
C GLY A 135 -8.42 26.88 8.66
N GLY A 136 -9.70 27.20 8.82
CA GLY A 136 -10.49 27.62 7.68
C GLY A 136 -11.19 26.48 6.96
N GLU A 137 -11.88 26.82 5.88
CA GLU A 137 -12.75 25.87 5.19
C GLU A 137 -12.02 24.85 4.32
N ARG A 138 -10.86 25.20 3.79
CA ARG A 138 -10.11 24.25 2.98
C ARG A 138 -9.48 23.18 3.87
N VAL A 139 -9.02 23.56 5.06
CA VAL A 139 -8.51 22.58 6.02
C VAL A 139 -9.64 21.67 6.49
N ARG A 140 -10.79 22.25 6.81
CA ARG A 140 -11.92 21.45 7.23
C ARG A 140 -12.31 20.44 6.16
N ALA A 141 -12.42 20.89 4.92
CA ALA A 141 -12.82 20.01 3.81
C ALA A 141 -11.82 18.89 3.66
N ALA A 142 -10.55 19.24 3.80
CA ALA A 142 -9.49 18.27 3.67
C ALA A 142 -9.52 17.24 4.81
N MET A 143 -9.87 17.69 6.01
CA MET A 143 -9.95 16.80 7.17
C MET A 143 -11.17 15.91 7.07
N GLU A 144 -12.22 16.41 6.42
CA GLU A 144 -13.38 15.59 6.12
C GLU A 144 -13.00 14.42 5.21
N LYS A 145 -12.30 14.71 4.13
CA LYS A 145 -11.84 13.66 3.21
C LYS A 145 -10.96 12.65 3.95
N LEU A 146 -10.04 13.18 4.73
CA LEU A 146 -9.07 12.39 5.48
C LEU A 146 -9.76 11.49 6.51
N ALA A 147 -10.76 12.04 7.20
CA ALA A 147 -11.46 11.27 8.22
C ALA A 147 -12.24 10.12 7.60
N GLU A 148 -12.56 10.25 6.32
CA GLU A 148 -13.37 9.26 5.61
C GLU A 148 -12.53 8.13 5.02
N THR A 149 -11.56 8.49 4.18
CA THR A 149 -10.79 7.52 3.43
C THR A 149 -9.33 7.42 3.86
N GLY A 150 -8.93 8.22 4.84
CA GLY A 150 -7.55 8.23 5.29
C GLY A 150 -7.24 7.13 6.30
N THR A 151 -5.96 6.96 6.61
CA THR A 151 -5.54 5.91 7.54
C THR A 151 -4.52 6.43 8.55
N GLY A 152 -4.40 5.70 9.67
CA GLY A 152 -3.36 5.95 10.66
C GLY A 152 -3.33 7.34 11.27
N PHE A 153 -2.13 7.92 11.34
CA PHE A 153 -1.90 9.22 11.95
C PHE A 153 -2.68 10.34 11.26
N ALA A 154 -2.66 10.33 9.92
CA ALA A 154 -3.40 11.33 9.17
C ALA A 154 -4.89 11.28 9.51
N ARG A 155 -5.43 10.08 9.65
CA ARG A 155 -6.85 9.97 9.99
C ARG A 155 -7.10 10.38 11.45
N LYS A 156 -6.14 10.08 12.32
CA LYS A 156 -6.26 10.49 13.72
C LYS A 156 -6.29 12.01 13.84
N VAL A 157 -5.43 12.69 13.09
CA VAL A 157 -5.34 14.16 13.12
C VAL A 157 -6.68 14.75 12.62
N ALA A 158 -7.19 14.16 11.55
CA ALA A 158 -8.41 14.66 10.91
C ALA A 158 -9.62 14.50 11.82
N VAL A 159 -9.74 13.33 12.43
CA VAL A 159 -10.83 13.06 13.37
C VAL A 159 -10.74 13.99 14.58
N ASN A 160 -9.53 14.17 15.10
CA ASN A 160 -9.32 15.11 16.20
C ASN A 160 -9.63 16.55 15.79
N TYR A 161 -9.26 16.94 14.57
CA TYR A 161 -9.53 18.29 14.08
C TYR A 161 -11.04 18.52 14.02
N LEU A 162 -11.75 17.58 13.42
CA LEU A 162 -13.18 17.75 13.18
C LEU A 162 -13.93 17.78 14.51
N GLU A 163 -13.44 17.00 15.47
CA GLU A 163 -14.03 16.96 16.80
C GLU A 163 -13.88 18.29 17.55
N THR A 164 -12.80 19.01 17.27
CA THR A 164 -12.53 20.26 17.97
C THR A 164 -12.91 21.50 17.14
N HIS A 165 -13.39 21.27 15.92
CA HIS A 165 -13.79 22.37 15.03
C HIS A 165 -15.20 22.10 14.48
N LYS A 166 -16.17 22.00 15.38
CA LYS A 166 -17.53 21.68 14.96
C LYS A 166 -18.20 22.81 14.18
N SER A 167 -18.80 22.42 13.05
CA SER A 167 -19.54 23.32 12.19
C SER A 167 -20.94 23.59 12.76
N THR B 11 -11.21 5.80 20.09
CA THR B 11 -10.50 4.91 19.18
C THR B 11 -9.33 5.62 18.52
N ASP B 12 -8.15 4.99 18.59
CA ASP B 12 -6.94 5.56 18.04
C ASP B 12 -6.66 4.96 16.67
N PRO B 13 -6.95 5.73 15.59
CA PRO B 13 -6.73 5.21 14.24
C PRO B 13 -5.27 4.81 14.01
N GLU B 14 -4.36 5.47 14.71
CA GLU B 14 -2.93 5.16 14.59
C GLU B 14 -2.65 3.75 15.11
N LYS B 15 -3.23 3.42 16.27
N LYS B 15 -3.24 3.41 16.26
CA LYS B 15 -3.08 2.08 16.84
CA LYS B 15 -3.08 2.08 16.84
C LYS B 15 -3.74 1.01 15.98
C LYS B 15 -3.75 1.01 15.99
N VAL B 16 -4.92 1.33 15.44
CA VAL B 16 -5.64 0.38 14.61
C VAL B 16 -4.78 0.01 13.39
N GLU B 17 -4.26 1.02 12.70
CA GLU B 17 -3.40 0.79 11.56
C GLU B 17 -2.16 -0.02 11.97
N MET B 18 -1.57 0.32 13.12
CA MET B 18 -0.37 -0.38 13.58
C MET B 18 -0.62 -1.87 13.83
N TYR B 19 -1.73 -2.19 14.47
CA TYR B 19 -2.01 -3.59 14.77
C TYR B 19 -2.52 -4.34 13.54
N ILE B 20 -3.24 -3.66 12.65
CA ILE B 20 -3.62 -4.30 11.39
C ILE B 20 -2.35 -4.71 10.64
N LYS B 21 -1.34 -3.86 10.66
CA LYS B 21 -0.08 -4.17 9.98
C LYS B 21 0.62 -5.34 10.69
N ASN B 22 0.51 -5.40 12.00
CA ASN B 22 1.14 -6.45 12.77
C ASN B 22 0.54 -7.84 12.55
N LEU B 23 -0.66 -7.91 12.02
CA LEU B 23 -1.26 -9.19 11.66
C LEU B 23 -0.48 -9.87 10.53
N GLN B 24 0.42 -9.14 9.90
CA GLN B 24 1.26 -9.71 8.84
C GLN B 24 2.67 -9.96 9.33
N ASP B 25 2.87 -9.85 10.64
CA ASP B 25 4.20 -10.04 11.20
C ASP B 25 4.62 -11.49 11.11
N ASP B 26 5.91 -11.73 10.88
CA ASP B 26 6.43 -13.09 10.74
C ASP B 26 6.22 -13.90 12.03
N SER B 27 6.16 -13.21 13.15
CA SER B 27 6.06 -13.89 14.44
C SER B 27 4.61 -14.12 14.85
N SER B 28 4.27 -15.36 15.16
CA SER B 28 2.88 -15.69 15.47
C SER B 28 2.44 -15.03 16.77
N VAL B 29 3.39 -14.87 17.70
CA VAL B 29 3.11 -14.21 18.98
C VAL B 29 2.72 -12.74 18.76
N VAL B 30 3.38 -12.09 17.80
CA VAL B 30 3.03 -10.72 17.46
C VAL B 30 1.63 -10.65 16.82
N ARG B 31 1.30 -11.64 16.00
CA ARG B 31 -0.02 -11.64 15.37
C ARG B 31 -1.13 -11.89 16.39
N VAL B 32 -0.85 -12.72 17.39
CA VAL B 32 -1.80 -12.94 18.49
C VAL B 32 -2.06 -11.63 19.23
N THR B 33 -0.99 -10.92 19.56
CA THR B 33 -1.16 -9.66 20.28
C THR B 33 -1.97 -8.70 19.43
N ALA B 34 -1.70 -8.68 18.12
CA ALA B 34 -2.37 -7.75 17.21
C ALA B 34 -3.88 -8.05 17.15
N ALA B 35 -4.24 -9.32 17.00
CA ALA B 35 -5.65 -9.69 16.92
C ALA B 35 -6.35 -9.30 18.22
N THR B 36 -5.68 -9.57 19.34
CA THR B 36 -6.25 -9.30 20.65
C THR B 36 -6.44 -7.81 20.87
N ALA B 37 -5.43 -7.04 20.48
CA ALA B 37 -5.51 -5.59 20.58
C ALA B 37 -6.65 -5.01 19.76
N LEU B 38 -6.84 -5.54 18.55
CA LEU B 38 -7.89 -5.03 17.66
C LEU B 38 -9.27 -5.37 18.21
N GLY B 39 -9.40 -6.53 18.84
CA GLY B 39 -10.67 -6.89 19.45
C GLY B 39 -11.02 -5.95 20.59
N LYS B 40 -10.02 -5.60 21.39
CA LYS B 40 -10.25 -4.68 22.50
C LYS B 40 -10.63 -3.27 22.04
N ILE B 41 -10.03 -2.83 20.93
CA ILE B 41 -10.33 -1.51 20.39
C ILE B 41 -11.75 -1.47 19.85
N GLY B 42 -12.14 -2.53 19.13
CA GLY B 42 -13.50 -2.66 18.64
C GLY B 42 -13.80 -1.96 17.32
N ASP B 43 -12.78 -1.43 16.66
CA ASP B 43 -12.97 -0.75 15.37
C ASP B 43 -13.25 -1.76 14.24
N GLU B 44 -14.36 -1.56 13.53
CA GLU B 44 -14.79 -2.49 12.49
C GLU B 44 -13.86 -2.45 11.27
N ARG B 45 -12.96 -1.47 11.22
CA ARG B 45 -11.92 -1.46 10.18
C ARG B 45 -11.02 -2.69 10.28
N ALA B 46 -11.03 -3.35 11.43
CA ALA B 46 -10.20 -4.52 11.65
C ALA B 46 -10.87 -5.81 11.17
N VAL B 47 -12.14 -5.72 10.77
CA VAL B 47 -12.88 -6.95 10.52
C VAL B 47 -12.32 -7.74 9.33
N GLU B 48 -12.07 -7.09 8.19
CA GLU B 48 -11.53 -7.85 7.07
C GLU B 48 -10.14 -8.44 7.36
N PRO B 49 -9.22 -7.66 7.96
CA PRO B 49 -7.94 -8.28 8.33
C PRO B 49 -8.10 -9.44 9.33
N LEU B 50 -8.99 -9.33 10.31
CA LEU B 50 -9.18 -10.40 11.28
C LEU B 50 -9.77 -11.66 10.63
N ILE B 51 -10.65 -11.46 9.65
CA ILE B 51 -11.21 -12.60 8.92
C ILE B 51 -10.10 -13.37 8.19
N LYS B 52 -9.18 -12.65 7.57
CA LYS B 52 -8.01 -13.28 6.96
C LYS B 52 -7.23 -14.06 8.01
N ALA B 53 -7.10 -13.45 9.20
CA ALA B 53 -6.34 -14.06 10.29
C ALA B 53 -6.98 -15.33 10.80
N LEU B 54 -8.26 -15.54 10.49
CA LEU B 54 -8.94 -16.79 10.84
C LEU B 54 -8.36 -17.99 10.12
N LYS B 55 -7.56 -17.73 9.09
CA LYS B 55 -6.95 -18.78 8.28
C LYS B 55 -5.46 -18.94 8.60
N ASP B 56 -5.02 -18.32 9.68
CA ASP B 56 -3.61 -18.35 10.08
C ASP B 56 -3.15 -19.77 10.37
N GLU B 57 -1.87 -20.03 10.14
CA GLU B 57 -1.31 -21.36 10.39
C GLU B 57 -1.32 -21.69 11.88
N ASP B 58 -1.18 -20.65 12.71
CA ASP B 58 -1.06 -20.82 14.16
C ASP B 58 -2.40 -20.80 14.85
N TRP B 59 -2.70 -21.84 15.62
CA TRP B 59 -4.03 -21.94 16.22
C TRP B 59 -4.33 -20.82 17.23
N GLN B 60 -3.31 -20.27 17.90
CA GLN B 60 -3.57 -19.17 18.84
C GLN B 60 -3.99 -17.90 18.11
N VAL B 61 -3.45 -17.68 16.92
CA VAL B 61 -3.90 -16.55 16.10
C VAL B 61 -5.35 -16.75 15.68
N ARG B 62 -5.71 -17.96 15.26
CA ARG B 62 -7.10 -18.21 14.85
C ARG B 62 -8.05 -18.02 16.05
N VAL B 63 -7.67 -18.53 17.21
CA VAL B 63 -8.48 -18.30 18.40
C VAL B 63 -8.65 -16.81 18.69
N SER B 64 -7.55 -16.08 18.66
CA SER B 64 -7.60 -14.66 18.99
C SER B 64 -8.37 -13.85 17.95
N ALA B 65 -8.23 -14.20 16.68
CA ALA B 65 -8.99 -13.56 15.61
C ALA B 65 -10.48 -13.81 15.80
N ALA B 66 -10.84 -15.07 16.05
CA ALA B 66 -12.23 -15.41 16.33
C ALA B 66 -12.76 -14.59 17.52
N TRP B 67 -12.01 -14.56 18.62
CA TRP B 67 -12.42 -13.81 19.82
C TRP B 67 -12.65 -12.34 19.48
N ALA B 68 -11.69 -11.76 18.76
CA ALA B 68 -11.78 -10.35 18.39
C ALA B 68 -13.00 -10.07 17.50
N LEU B 69 -13.31 -11.00 16.60
CA LEU B 69 -14.44 -10.80 15.71
C LEU B 69 -15.76 -10.92 16.49
N GLY B 70 -15.75 -11.75 17.52
CA GLY B 70 -16.89 -11.84 18.41
C GLY B 70 -17.10 -10.54 19.18
N LYS B 71 -16.00 -9.96 19.61
CA LYS B 71 -16.02 -8.70 20.36
C LYS B 71 -16.51 -7.53 19.51
N ILE B 72 -16.06 -7.48 18.25
CA ILE B 72 -16.51 -6.42 17.36
C ILE B 72 -17.97 -6.62 16.98
N GLY B 73 -18.39 -7.87 16.87
CA GLY B 73 -19.78 -8.21 16.62
C GLY B 73 -20.32 -7.91 15.23
N ASP B 74 -19.43 -7.75 14.26
CA ASP B 74 -19.83 -7.48 12.87
C ASP B 74 -20.21 -8.78 12.16
N GLU B 75 -21.39 -8.82 11.55
CA GLU B 75 -21.90 -10.04 10.93
C GLU B 75 -21.17 -10.46 9.65
N ARG B 76 -20.26 -9.62 9.16
CA ARG B 76 -19.39 -10.04 8.08
C ARG B 76 -18.55 -11.26 8.52
N ALA B 77 -18.40 -11.43 9.83
CA ALA B 77 -17.62 -12.54 10.40
C ALA B 77 -18.38 -13.88 10.43
N VAL B 78 -19.69 -13.85 10.22
CA VAL B 78 -20.51 -15.04 10.42
C VAL B 78 -20.12 -16.21 9.50
N GLU B 79 -20.06 -16.00 8.18
CA GLU B 79 -19.72 -17.12 7.30
C GLU B 79 -18.31 -17.72 7.57
N PRO B 80 -17.27 -16.86 7.72
CA PRO B 80 -15.95 -17.42 8.06
C PRO B 80 -15.89 -18.11 9.43
N LEU B 81 -16.65 -17.62 10.41
CA LEU B 81 -16.65 -18.28 11.72
C LEU B 81 -17.38 -19.63 11.65
N ILE B 82 -18.39 -19.74 10.80
CA ILE B 82 -19.09 -21.01 10.62
C ILE B 82 -18.12 -22.05 10.10
N LYS B 83 -17.23 -21.64 9.19
CA LYS B 83 -16.21 -22.56 8.70
C LYS B 83 -15.25 -22.95 9.83
N ALA B 84 -14.93 -21.99 10.69
CA ALA B 84 -14.04 -22.25 11.82
C ALA B 84 -14.64 -23.18 12.87
N LEU B 85 -15.97 -23.40 12.82
CA LEU B 85 -16.62 -24.38 13.69
C LEU B 85 -16.14 -25.81 13.40
N LYS B 86 -15.51 -26.03 12.26
CA LYS B 86 -15.00 -27.35 11.92
C LYS B 86 -13.49 -27.33 11.76
N ASP B 87 -12.87 -26.33 12.39
CA ASP B 87 -11.41 -26.24 12.44
C ASP B 87 -10.87 -27.53 13.04
N GLU B 88 -9.68 -27.95 12.60
CA GLU B 88 -9.02 -29.13 13.16
C GLU B 88 -8.80 -28.98 14.68
N ASP B 89 -8.66 -27.75 15.13
CA ASP B 89 -8.27 -27.50 16.52
C ASP B 89 -9.47 -27.16 17.42
N SER B 90 -9.62 -27.88 18.54
CA SER B 90 -10.83 -27.72 19.35
C SER B 90 -10.93 -26.35 20.02
N ASP B 91 -9.78 -25.74 20.32
CA ASP B 91 -9.80 -24.42 20.96
C ASP B 91 -10.29 -23.38 19.95
N VAL B 92 -9.94 -23.55 18.69
CA VAL B 92 -10.47 -22.68 17.65
C VAL B 92 -11.98 -22.89 17.47
N ARG B 93 -12.43 -24.14 17.43
CA ARG B 93 -13.87 -24.42 17.28
C ARG B 93 -14.65 -23.74 18.39
N MET B 94 -14.10 -23.81 19.61
CA MET B 94 -14.77 -23.23 20.75
C MET B 94 -14.84 -21.74 20.65
N ALA B 95 -13.72 -21.13 20.27
CA ALA B 95 -13.67 -19.68 20.11
C ALA B 95 -14.62 -19.22 19.00
N ALA B 96 -14.79 -20.01 17.94
CA ALA B 96 -15.73 -19.65 16.87
C ALA B 96 -17.17 -19.73 17.35
N ALA B 97 -17.53 -20.82 18.02
CA ALA B 97 -18.88 -20.97 18.57
C ALA B 97 -19.19 -19.83 19.54
N LYS B 98 -18.24 -19.52 20.42
CA LYS B 98 -18.50 -18.47 21.40
C LYS B 98 -18.67 -17.12 20.69
N ALA B 99 -17.83 -16.85 19.70
CA ALA B 99 -17.97 -15.63 18.91
C ALA B 99 -19.32 -15.58 18.17
N LEU B 100 -19.76 -16.70 17.60
CA LEU B 100 -21.03 -16.70 16.88
C LEU B 100 -22.18 -16.40 17.83
N GLY B 101 -22.09 -16.91 19.05
CA GLY B 101 -23.11 -16.59 20.05
C GLY B 101 -23.12 -15.10 20.37
N LYS B 102 -21.93 -14.51 20.55
CA LYS B 102 -21.81 -13.08 20.85
C LYS B 102 -22.36 -12.19 19.72
N ILE B 103 -22.11 -12.58 18.47
CA ILE B 103 -22.62 -11.82 17.32
C ILE B 103 -24.15 -11.90 17.24
N GLY B 104 -24.71 -13.03 17.65
CA GLY B 104 -26.16 -13.18 17.79
C GLY B 104 -26.98 -13.29 16.52
N ASP B 105 -26.32 -13.49 15.39
CA ASP B 105 -27.00 -13.68 14.10
C ASP B 105 -27.59 -15.10 14.00
N GLU B 106 -28.88 -15.19 13.66
CA GLU B 106 -29.58 -16.48 13.57
C GLU B 106 -29.10 -17.38 12.44
N ARG B 107 -28.39 -16.80 11.47
CA ARG B 107 -27.76 -17.59 10.43
C ARG B 107 -26.89 -18.70 11.04
N ALA B 108 -26.33 -18.45 12.21
CA ALA B 108 -25.46 -19.42 12.87
C ALA B 108 -26.18 -20.59 13.55
N VAL B 109 -27.50 -20.57 13.64
CA VAL B 109 -28.20 -21.58 14.45
C VAL B 109 -27.95 -23.00 13.94
N GLU B 110 -28.14 -23.25 12.66
CA GLU B 110 -28.01 -24.64 12.19
C GLU B 110 -26.55 -25.17 12.27
N PRO B 111 -25.54 -24.35 11.93
CA PRO B 111 -24.17 -24.83 12.20
C PRO B 111 -23.87 -25.08 13.68
N LEU B 112 -24.38 -24.22 14.55
CA LEU B 112 -24.17 -24.42 15.99
C LEU B 112 -24.85 -25.69 16.49
N ILE B 113 -25.99 -26.00 15.90
CA ILE B 113 -26.73 -27.23 16.24
C ILE B 113 -25.90 -28.45 15.88
N LYS B 114 -25.27 -28.41 14.71
CA LYS B 114 -24.38 -29.49 14.30
C LYS B 114 -23.19 -29.59 15.25
N ALA B 115 -22.70 -28.45 15.73
CA ALA B 115 -21.57 -28.42 16.66
C ALA B 115 -21.88 -29.04 18.02
N LEU B 116 -23.16 -29.24 18.32
CA LEU B 116 -23.58 -29.94 19.52
C LEU B 116 -23.15 -31.40 19.52
N LYS B 117 -22.68 -31.88 18.37
CA LYS B 117 -22.20 -33.24 18.23
C LYS B 117 -20.68 -33.29 18.08
N ASP B 118 -20.05 -32.18 18.40
CA ASP B 118 -18.59 -32.11 18.41
C ASP B 118 -18.01 -33.16 19.35
N GLU B 119 -16.82 -33.63 19.05
CA GLU B 119 -16.14 -34.64 19.88
C GLU B 119 -15.70 -34.10 21.24
N ASP B 120 -15.44 -32.79 21.30
CA ASP B 120 -14.95 -32.13 22.51
C ASP B 120 -16.13 -31.60 23.33
N SER B 121 -16.20 -32.00 24.60
CA SER B 121 -17.36 -31.66 25.43
C SER B 121 -17.44 -30.16 25.69
N ASP B 122 -16.30 -29.49 25.79
CA ASP B 122 -16.31 -28.06 26.02
C ASP B 122 -16.72 -27.30 24.75
N VAL B 123 -16.41 -27.84 23.57
CA VAL B 123 -16.95 -27.25 22.36
C VAL B 123 -18.47 -27.40 22.37
N ARG B 124 -18.96 -28.58 22.75
CA ARG B 124 -20.40 -28.82 22.79
C ARG B 124 -21.10 -27.85 23.76
N ARG B 125 -20.52 -27.68 24.94
CA ARG B 125 -21.04 -26.78 25.96
C ARG B 125 -21.07 -25.34 25.45
N THR B 126 -20.03 -24.95 24.73
CA THR B 126 -19.94 -23.60 24.19
C THR B 126 -20.97 -23.38 23.07
N ALA B 127 -21.22 -24.41 22.26
CA ALA B 127 -22.22 -24.30 21.20
C ALA B 127 -23.61 -24.19 21.83
N ALA B 128 -23.86 -25.00 22.86
CA ALA B 128 -25.15 -24.93 23.56
C ALA B 128 -25.38 -23.56 24.18
N TYR B 129 -24.37 -22.98 24.80
CA TYR B 129 -24.49 -21.66 25.39
C TYR B 129 -24.68 -20.58 24.31
N ALA B 130 -24.00 -20.72 23.17
CA ALA B 130 -24.17 -19.75 22.08
C ALA B 130 -25.60 -19.77 21.52
N LEU B 131 -26.19 -20.96 21.41
CA LEU B 131 -27.58 -21.08 20.95
C LEU B 131 -28.51 -20.39 21.93
N GLY B 132 -28.26 -20.59 23.21
CA GLY B 132 -29.03 -19.93 24.25
C GLY B 132 -28.90 -18.42 24.16
N GLU B 133 -27.70 -17.93 23.83
CA GLU B 133 -27.48 -16.49 23.73
C GLU B 133 -28.19 -15.90 22.50
N ILE B 134 -28.23 -16.66 21.42
CA ILE B 134 -28.97 -16.24 20.23
C ILE B 134 -30.46 -16.29 20.52
N GLY B 135 -30.92 -17.42 21.04
CA GLY B 135 -32.31 -17.60 21.43
C GLY B 135 -33.32 -17.38 20.31
N GLY B 136 -34.57 -17.11 20.67
CA GLY B 136 -35.61 -16.89 19.67
C GLY B 136 -36.21 -18.15 19.06
N GLU B 137 -37.03 -17.95 18.04
CA GLU B 137 -37.89 -19.03 17.54
C GLU B 137 -37.18 -20.02 16.64
N ARG B 138 -36.11 -19.59 15.99
CA ARG B 138 -35.33 -20.50 15.15
C ARG B 138 -34.60 -21.50 16.05
N VAL B 139 -34.13 -21.02 17.19
CA VAL B 139 -33.45 -21.89 18.14
C VAL B 139 -34.47 -22.84 18.75
N ARG B 140 -35.61 -22.30 19.16
CA ARG B 140 -36.68 -23.10 19.72
C ARG B 140 -37.11 -24.21 18.74
N ALA B 141 -37.33 -23.85 17.48
CA ALA B 141 -37.74 -24.81 16.46
C ALA B 141 -36.70 -25.91 16.24
N ALA B 142 -35.42 -25.52 16.24
CA ALA B 142 -34.34 -26.47 16.07
C ALA B 142 -34.28 -27.44 17.24
N MET B 143 -34.51 -26.92 18.44
CA MET B 143 -34.54 -27.77 19.64
C MET B 143 -35.69 -28.79 19.62
N GLU B 144 -36.87 -28.42 19.12
CA GLU B 144 -37.97 -29.39 19.08
C GLU B 144 -37.67 -30.50 18.09
N LYS B 145 -37.07 -30.12 16.96
CA LYS B 145 -36.64 -31.08 15.97
C LYS B 145 -35.63 -32.06 16.56
N LEU B 146 -34.66 -31.53 17.30
CA LEU B 146 -33.68 -32.34 18.03
C LEU B 146 -34.33 -33.28 19.03
N ALA B 147 -35.28 -32.74 19.79
CA ALA B 147 -35.98 -33.52 20.80
C ALA B 147 -36.70 -34.70 20.18
N GLU B 148 -37.14 -34.54 18.93
CA GLU B 148 -37.94 -35.56 18.26
C GLU B 148 -37.12 -36.55 17.42
N THR B 149 -36.07 -36.06 16.78
CA THR B 149 -35.31 -36.87 15.83
C THR B 149 -33.81 -36.99 16.13
N GLY B 150 -33.36 -36.28 17.16
CA GLY B 150 -31.95 -36.29 17.51
C GLY B 150 -31.62 -37.37 18.52
N THR B 151 -30.39 -37.40 19.00
CA THR B 151 -29.98 -38.40 19.98
C THR B 151 -28.73 -37.87 20.65
N GLY B 152 -28.26 -38.53 21.70
CA GLY B 152 -27.02 -38.12 22.35
C GLY B 152 -27.07 -36.76 23.02
N PHE B 153 -25.92 -36.12 23.16
CA PHE B 153 -25.81 -34.85 23.90
C PHE B 153 -26.68 -33.74 23.34
N ALA B 154 -26.85 -33.72 22.01
CA ALA B 154 -27.69 -32.71 21.36
C ALA B 154 -29.12 -32.85 21.83
N ARG B 155 -29.59 -34.08 21.91
CA ARG B 155 -30.95 -34.32 22.37
C ARG B 155 -31.09 -33.92 23.85
N LYS B 156 -30.05 -34.18 24.63
CA LYS B 156 -30.05 -33.77 26.03
C LYS B 156 -30.19 -32.26 26.15
N VAL B 157 -29.41 -31.54 25.36
CA VAL B 157 -29.46 -30.08 25.33
C VAL B 157 -30.87 -29.59 24.95
N ALA B 158 -31.45 -30.21 23.94
CA ALA B 158 -32.76 -29.83 23.45
C ALA B 158 -33.84 -30.02 24.52
N VAL B 159 -33.90 -31.21 25.10
CA VAL B 159 -34.92 -31.53 26.09
C VAL B 159 -34.82 -30.56 27.28
N ASN B 160 -33.60 -30.26 27.71
CA ASN B 160 -33.37 -29.28 28.76
C ASN B 160 -33.82 -27.89 28.34
N TYR B 161 -33.55 -27.53 27.09
CA TYR B 161 -33.90 -26.21 26.58
C TYR B 161 -35.40 -25.99 26.61
N LEU B 162 -36.13 -26.99 26.13
CA LEU B 162 -37.58 -26.91 26.00
C LEU B 162 -38.28 -26.90 27.36
N GLU B 163 -37.66 -27.53 28.35
CA GLU B 163 -38.20 -27.55 29.70
C GLU B 163 -37.94 -26.21 30.40
N THR B 164 -36.94 -25.48 29.94
CA THR B 164 -36.57 -24.20 30.53
C THR B 164 -37.12 -23.02 29.73
N HIS B 165 -37.64 -23.31 28.54
CA HIS B 165 -38.32 -22.31 27.71
C HIS B 165 -39.59 -22.89 27.10
N THR C 11 16.47 5.84 -23.75
CA THR C 11 16.46 6.72 -22.59
C THR C 11 17.82 7.39 -22.42
N ASP C 12 17.81 8.70 -22.20
CA ASP C 12 19.01 9.50 -22.11
C ASP C 12 19.71 9.39 -20.75
N PRO C 13 20.93 8.82 -20.72
CA PRO C 13 21.71 8.70 -19.48
C PRO C 13 22.07 10.06 -18.87
N GLU C 14 22.08 11.10 -19.69
CA GLU C 14 22.40 12.44 -19.23
C GLU C 14 21.25 13.05 -18.41
N LYS C 15 20.14 12.31 -18.31
CA LYS C 15 18.97 12.85 -17.62
C LYS C 15 18.75 12.24 -16.24
N VAL C 16 19.72 11.49 -15.73
CA VAL C 16 19.58 10.85 -14.43
C VAL C 16 19.22 11.81 -13.30
N GLU C 17 19.94 12.92 -13.18
CA GLU C 17 19.64 13.89 -12.13
C GLU C 17 18.25 14.49 -12.31
N MET C 18 17.89 14.75 -13.56
CA MET C 18 16.55 15.26 -13.87
C MET C 18 15.44 14.32 -13.40
N TYR C 19 15.59 13.03 -13.70
CA TYR C 19 14.56 12.08 -13.32
C TYR C 19 14.55 11.86 -11.81
N ILE C 20 15.72 11.86 -11.18
CA ILE C 20 15.75 11.73 -9.73
C ILE C 20 14.96 12.87 -9.07
N LYS C 21 15.13 14.09 -9.56
CA LYS C 21 14.31 15.20 -9.07
C LYS C 21 12.83 14.98 -9.37
N ASN C 22 12.52 14.48 -10.56
CA ASN C 22 11.13 14.21 -10.91
C ASN C 22 10.42 13.17 -10.01
N LEU C 23 11.18 12.39 -9.24
CA LEU C 23 10.58 11.44 -8.30
C LEU C 23 9.83 12.15 -7.17
N GLN C 24 10.03 13.46 -7.06
CA GLN C 24 9.36 14.25 -6.03
C GLN C 24 8.33 15.21 -6.64
N ASP C 25 8.06 15.05 -7.93
CA ASP C 25 7.01 15.83 -8.60
C ASP C 25 5.65 15.59 -7.94
N ASP C 26 4.80 16.61 -7.96
CA ASP C 26 3.46 16.51 -7.37
C ASP C 26 2.59 15.51 -8.14
N SER C 27 2.85 15.35 -9.43
CA SER C 27 2.06 14.47 -10.28
C SER C 27 2.56 13.01 -10.29
N SER C 28 1.68 12.07 -9.94
CA SER C 28 2.08 10.67 -9.83
C SER C 28 2.48 10.11 -11.21
N VAL C 29 1.87 10.60 -12.28
CA VAL C 29 2.23 10.07 -13.59
C VAL C 29 3.66 10.50 -13.95
N VAL C 30 4.08 11.67 -13.45
CA VAL C 30 5.45 12.15 -13.65
C VAL C 30 6.43 11.29 -12.84
N ARG C 31 6.06 10.95 -11.60
CA ARG C 31 6.89 10.08 -10.77
C ARG C 31 7.03 8.69 -11.38
N VAL C 32 5.94 8.16 -11.94
CA VAL C 32 6.00 6.88 -12.64
C VAL C 32 6.97 6.94 -13.82
N THR C 33 6.87 8.00 -14.62
CA THR C 33 7.76 8.15 -15.77
C THR C 33 9.20 8.19 -15.30
N ALA C 34 9.46 8.92 -14.20
CA ALA C 34 10.81 9.08 -13.69
C ALA C 34 11.36 7.77 -13.15
N ALA C 35 10.57 7.01 -12.40
CA ALA C 35 11.04 5.74 -11.85
C ALA C 35 11.38 4.77 -13.00
N THR C 36 10.52 4.74 -14.02
CA THR C 36 10.73 3.85 -15.16
C THR C 36 11.99 4.18 -15.93
N ALA C 37 12.19 5.47 -16.17
CA ALA C 37 13.36 5.94 -16.90
C ALA C 37 14.63 5.57 -16.14
N LEU C 38 14.58 5.70 -14.82
CA LEU C 38 15.76 5.42 -13.99
C LEU C 38 16.11 3.93 -13.95
N GLY C 39 15.07 3.10 -14.01
CA GLY C 39 15.28 1.66 -14.15
C GLY C 39 15.92 1.29 -15.48
N LYS C 40 15.50 1.97 -16.54
CA LYS C 40 16.07 1.70 -17.86
C LYS C 40 17.53 2.17 -17.96
N ILE C 41 17.86 3.30 -17.34
CA ILE C 41 19.22 3.82 -17.39
C ILE C 41 20.17 2.91 -16.59
N GLY C 42 19.71 2.48 -15.41
CA GLY C 42 20.43 1.53 -14.59
C GLY C 42 21.55 2.10 -13.74
N ASP C 43 21.56 3.43 -13.58
CA ASP C 43 22.58 4.12 -12.78
C ASP C 43 22.27 3.98 -11.30
N GLU C 44 23.28 3.65 -10.50
CA GLU C 44 23.09 3.39 -9.07
C GLU C 44 22.81 4.64 -8.25
N ARG C 45 23.04 5.82 -8.83
CA ARG C 45 22.65 7.07 -8.19
C ARG C 45 21.15 7.09 -7.89
N ALA C 46 20.38 6.29 -8.60
CA ALA C 46 18.94 6.30 -8.47
C ALA C 46 18.43 5.42 -7.32
N VAL C 47 19.31 4.64 -6.70
CA VAL C 47 18.87 3.61 -5.76
C VAL C 47 18.21 4.15 -4.48
N GLU C 48 18.89 5.03 -3.75
CA GLU C 48 18.29 5.57 -2.54
C GLU C 48 17.02 6.40 -2.85
N PRO C 49 17.02 7.21 -3.92
CA PRO C 49 15.75 7.86 -4.28
C PRO C 49 14.60 6.91 -4.63
N LEU C 50 14.90 5.86 -5.39
CA LEU C 50 13.88 4.86 -5.71
C LEU C 50 13.40 4.11 -4.46
N ILE C 51 14.29 3.89 -3.51
CA ILE C 51 13.90 3.26 -2.24
C ILE C 51 12.86 4.13 -1.52
N LYS C 52 13.04 5.44 -1.56
CA LYS C 52 12.03 6.35 -0.99
C LYS C 52 10.72 6.26 -1.76
N ALA C 53 10.81 6.17 -3.09
CA ALA C 53 9.60 6.11 -3.93
C ALA C 53 8.84 4.79 -3.71
N LEU C 54 9.49 3.79 -3.10
CA LEU C 54 8.79 2.56 -2.69
C LEU C 54 7.69 2.84 -1.67
N LYS C 55 7.71 4.01 -1.05
CA LYS C 55 6.69 4.35 -0.07
C LYS C 55 5.71 5.39 -0.60
N ASP C 56 5.70 5.59 -1.91
CA ASP C 56 4.82 6.57 -2.54
C ASP C 56 3.35 6.26 -2.26
N GLU C 57 2.53 7.31 -2.19
CA GLU C 57 1.09 7.13 -2.01
C GLU C 57 0.41 6.43 -3.20
N ASP C 58 0.99 6.57 -4.39
CA ASP C 58 0.40 6.03 -5.60
C ASP C 58 0.97 4.64 -5.93
N TRP C 59 0.10 3.64 -6.09
CA TRP C 59 0.59 2.27 -6.26
C TRP C 59 1.36 2.07 -7.56
N GLN C 60 1.04 2.84 -8.59
CA GLN C 60 1.80 2.68 -9.84
C GLN C 60 3.23 3.16 -9.65
N VAL C 61 3.41 4.20 -8.84
CA VAL C 61 4.76 4.64 -8.53
C VAL C 61 5.51 3.55 -7.74
N ARG C 62 4.84 2.96 -6.76
CA ARG C 62 5.49 1.90 -5.98
C ARG C 62 5.86 0.70 -6.86
N VAL C 63 4.96 0.29 -7.75
CA VAL C 63 5.30 -0.80 -8.69
C VAL C 63 6.53 -0.43 -9.53
N SER C 64 6.53 0.79 -10.05
CA SER C 64 7.58 1.21 -10.96
C SER C 64 8.92 1.39 -10.26
N ALA C 65 8.90 1.87 -9.03
CA ALA C 65 10.14 1.97 -8.25
C ALA C 65 10.68 0.56 -7.95
N ALA C 66 9.79 -0.35 -7.59
CA ALA C 66 10.21 -1.73 -7.33
C ALA C 66 10.81 -2.34 -8.59
N TRP C 67 10.12 -2.17 -9.71
CA TRP C 67 10.64 -2.66 -10.98
C TRP C 67 12.03 -2.09 -11.26
N ALA C 68 12.17 -0.78 -11.07
CA ALA C 68 13.45 -0.12 -11.35
C ALA C 68 14.59 -0.64 -10.49
N LEU C 69 14.31 -0.86 -9.19
CA LEU C 69 15.31 -1.38 -8.26
C LEU C 69 15.75 -2.78 -8.64
N GLY C 70 14.81 -3.59 -9.11
CA GLY C 70 15.13 -4.91 -9.61
C GLY C 70 16.06 -4.82 -10.81
N LYS C 71 15.78 -3.87 -11.70
CA LYS C 71 16.57 -3.65 -12.91
C LYS C 71 18.00 -3.23 -12.59
N ILE C 72 18.14 -2.38 -11.59
CA ILE C 72 19.45 -1.87 -11.19
C ILE C 72 20.21 -2.95 -10.44
N GLY C 73 19.50 -3.75 -9.65
CA GLY C 73 20.09 -4.92 -9.02
C GLY C 73 20.96 -4.64 -7.81
N ASP C 74 20.91 -3.41 -7.29
CA ASP C 74 21.71 -3.02 -6.12
C ASP C 74 21.13 -3.63 -4.85
N GLU C 75 21.98 -4.26 -4.04
CA GLU C 75 21.54 -4.97 -2.85
C GLU C 75 20.98 -4.07 -1.73
N ARG C 76 21.24 -2.78 -1.80
CA ARG C 76 20.67 -1.84 -0.82
C ARG C 76 19.15 -1.89 -0.86
N ALA C 77 18.61 -2.30 -1.99
CA ALA C 77 17.16 -2.34 -2.19
C ALA C 77 16.45 -3.52 -1.49
N VAL C 78 17.21 -4.51 -1.03
CA VAL C 78 16.60 -5.76 -0.59
C VAL C 78 15.69 -5.61 0.64
N GLU C 79 16.20 -4.99 1.70
CA GLU C 79 15.39 -4.82 2.90
C GLU C 79 14.14 -3.95 2.61
N PRO C 80 14.31 -2.81 1.90
CA PRO C 80 13.09 -2.08 1.50
C PRO C 80 12.09 -2.89 0.64
N LEU C 81 12.59 -3.72 -0.27
CA LEU C 81 11.68 -4.52 -1.10
C LEU C 81 11.00 -5.63 -0.29
N ILE C 82 11.70 -6.16 0.71
CA ILE C 82 11.14 -7.16 1.59
C ILE C 82 9.95 -6.56 2.33
N LYS C 83 10.08 -5.31 2.75
CA LYS C 83 8.95 -4.62 3.39
C LYS C 83 7.80 -4.45 2.41
N ALA C 84 8.12 -4.17 1.15
CA ALA C 84 7.08 -3.94 0.16
C ALA C 84 6.27 -5.23 -0.13
N LEU C 85 6.80 -6.38 0.27
CA LEU C 85 6.07 -7.65 0.17
C LEU C 85 4.84 -7.65 1.07
N LYS C 86 4.79 -6.70 1.99
CA LYS C 86 3.63 -6.58 2.87
C LYS C 86 2.69 -5.46 2.42
N ASP C 87 2.95 -4.88 1.24
CA ASP C 87 2.11 -3.80 0.73
C ASP C 87 0.63 -4.21 0.66
N GLU C 88 -0.26 -3.26 0.87
CA GLU C 88 -1.69 -3.52 0.77
C GLU C 88 -2.10 -3.88 -0.66
N ASP C 89 -1.32 -3.39 -1.63
CA ASP C 89 -1.65 -3.55 -3.04
C ASP C 89 -0.97 -4.79 -3.64
N SER C 90 -1.75 -5.66 -4.29
CA SER C 90 -1.22 -6.91 -4.79
C SER C 90 -0.26 -6.71 -5.96
N ASP C 91 -0.46 -5.66 -6.75
CA ASP C 91 0.47 -5.42 -7.85
C ASP C 91 1.84 -4.97 -7.33
N VAL C 92 1.84 -4.19 -6.24
CA VAL C 92 3.11 -3.81 -5.63
C VAL C 92 3.84 -5.01 -5.02
N ARG C 93 3.11 -5.88 -4.34
CA ARG C 93 3.70 -7.06 -3.74
C ARG C 93 4.35 -7.94 -4.83
N MET C 94 3.65 -8.10 -5.95
CA MET C 94 4.18 -8.87 -7.07
C MET C 94 5.47 -8.28 -7.65
N ALA C 95 5.50 -6.96 -7.80
CA ALA C 95 6.65 -6.28 -8.37
C ALA C 95 7.83 -6.41 -7.42
N ALA C 96 7.56 -6.34 -6.12
CA ALA C 96 8.60 -6.46 -5.12
C ALA C 96 9.17 -7.87 -5.15
N ALA C 97 8.30 -8.86 -5.25
CA ALA C 97 8.77 -10.24 -5.32
C ALA C 97 9.62 -10.47 -6.57
N LYS C 98 9.15 -9.99 -7.72
CA LYS C 98 9.92 -10.19 -8.94
C LYS C 98 11.29 -9.50 -8.83
N ALA C 99 11.31 -8.28 -8.27
CA ALA C 99 12.56 -7.54 -8.12
C ALA C 99 13.54 -8.26 -7.20
N LEU C 100 13.03 -8.84 -6.12
CA LEU C 100 13.88 -9.58 -5.19
C LEU C 100 14.52 -10.79 -5.88
N GLY C 101 13.74 -11.49 -6.70
CA GLY C 101 14.30 -12.61 -7.45
C GLY C 101 15.44 -12.15 -8.36
N LYS C 102 15.26 -11.00 -9.01
CA LYS C 102 16.26 -10.46 -9.91
C LYS C 102 17.53 -10.04 -9.17
N ILE C 103 17.39 -9.48 -7.98
CA ILE C 103 18.57 -9.05 -7.24
C ILE C 103 19.38 -10.27 -6.76
N GLY C 104 18.68 -11.36 -6.45
CA GLY C 104 19.33 -12.62 -6.13
C GLY C 104 19.97 -12.68 -4.75
N ASP C 105 19.59 -11.75 -3.89
CA ASP C 105 20.12 -11.72 -2.52
C ASP C 105 19.38 -12.77 -1.66
N GLU C 106 20.13 -13.57 -0.92
CA GLU C 106 19.54 -14.70 -0.20
C GLU C 106 18.70 -14.31 1.00
N ARG C 107 18.84 -13.07 1.47
CA ARG C 107 18.00 -12.55 2.55
C ARG C 107 16.52 -12.55 2.19
N ALA C 108 16.22 -12.57 0.90
CA ALA C 108 14.82 -12.58 0.49
C ALA C 108 14.19 -13.97 0.57
N VAL C 109 14.94 -14.99 0.96
CA VAL C 109 14.40 -16.35 0.86
C VAL C 109 13.19 -16.62 1.79
N GLU C 110 13.34 -16.34 3.09
CA GLU C 110 12.23 -16.58 4.01
C GLU C 110 11.04 -15.62 3.77
N PRO C 111 11.29 -14.34 3.47
CA PRO C 111 10.13 -13.53 3.09
C PRO C 111 9.41 -14.02 1.84
N LEU C 112 10.14 -14.54 0.85
CA LEU C 112 9.50 -15.03 -0.38
C LEU C 112 8.73 -16.33 -0.11
N ILE C 113 9.23 -17.13 0.81
CA ILE C 113 8.51 -18.33 1.22
C ILE C 113 7.22 -17.98 1.95
N LYS C 114 7.24 -16.94 2.79
CA LYS C 114 6.00 -16.46 3.37
C LYS C 114 5.03 -16.02 2.28
N ALA C 115 5.54 -15.38 1.24
CA ALA C 115 4.69 -14.87 0.17
C ALA C 115 4.00 -16.01 -0.62
N LEU C 116 4.50 -17.23 -0.45
CA LEU C 116 3.83 -18.39 -1.05
C LEU C 116 2.45 -18.60 -0.43
N LYS C 117 2.20 -17.91 0.69
CA LYS C 117 0.90 -17.96 1.34
C LYS C 117 0.06 -16.72 1.05
N ASP C 118 0.51 -15.87 0.13
CA ASP C 118 -0.21 -14.65 -0.19
C ASP C 118 -1.63 -14.98 -0.65
N GLU C 119 -2.59 -14.10 -0.36
CA GLU C 119 -3.97 -14.31 -0.80
C GLU C 119 -4.12 -14.20 -2.32
N ASP C 120 -3.16 -13.54 -2.97
CA ASP C 120 -3.24 -13.37 -4.41
C ASP C 120 -2.46 -14.42 -5.20
N SER C 121 -3.12 -15.07 -6.16
CA SER C 121 -2.52 -16.14 -6.93
C SER C 121 -1.25 -15.71 -7.68
N ASP C 122 -1.28 -14.51 -8.26
CA ASP C 122 -0.16 -14.01 -9.06
C ASP C 122 1.05 -13.66 -8.20
N VAL C 123 0.80 -13.14 -6.99
CA VAL C 123 1.89 -12.90 -6.05
C VAL C 123 2.54 -14.23 -5.66
N ARG C 124 1.73 -15.23 -5.35
CA ARG C 124 2.27 -16.56 -4.97
C ARG C 124 3.14 -17.12 -6.09
N ARG C 125 2.67 -17.03 -7.33
N ARG C 125 2.65 -17.02 -7.32
N ARG C 125 2.67 -17.03 -7.33
CA ARG C 125 3.42 -17.53 -8.47
CA ARG C 125 3.37 -17.50 -8.50
CA ARG C 125 3.41 -17.54 -8.47
C ARG C 125 4.73 -16.79 -8.65
C ARG C 125 4.70 -16.79 -8.66
C ARG C 125 4.71 -16.77 -8.68
N THR C 126 4.66 -15.46 -8.50
CA THR C 126 5.84 -14.62 -8.70
C THR C 126 6.88 -14.93 -7.63
N ALA C 127 6.42 -15.14 -6.41
CA ALA C 127 7.33 -15.49 -5.31
C ALA C 127 8.00 -16.84 -5.59
N ALA C 128 7.23 -17.79 -6.10
CA ALA C 128 7.80 -19.13 -6.37
C ALA C 128 8.87 -19.01 -7.44
N TYR C 129 8.59 -18.20 -8.46
CA TYR C 129 9.56 -17.99 -9.53
C TYR C 129 10.83 -17.27 -9.04
N ALA C 130 10.65 -16.32 -8.14
CA ALA C 130 11.77 -15.57 -7.57
C ALA C 130 12.70 -16.47 -6.75
N LEU C 131 12.14 -17.42 -6.02
CA LEU C 131 12.96 -18.37 -5.27
C LEU C 131 13.82 -19.19 -6.24
N GLY C 132 13.25 -19.56 -7.38
CA GLY C 132 14.00 -20.26 -8.41
C GLY C 132 15.11 -19.39 -8.97
N GLU C 133 14.81 -18.11 -9.19
CA GLU C 133 15.81 -17.17 -9.70
C GLU C 133 16.98 -17.02 -8.74
N ILE C 134 16.68 -16.97 -7.44
CA ILE C 134 17.73 -16.88 -6.44
C ILE C 134 18.53 -18.15 -6.43
N GLY C 135 17.84 -19.29 -6.30
CA GLY C 135 18.48 -20.59 -6.36
C GLY C 135 19.51 -20.78 -5.27
N GLY C 136 20.47 -21.65 -5.50
CA GLY C 136 21.57 -21.83 -4.56
C GLY C 136 21.21 -22.70 -3.39
N GLU C 137 22.16 -22.85 -2.46
CA GLU C 137 22.02 -23.82 -1.39
C GLU C 137 21.00 -23.42 -0.33
N ARG C 138 20.89 -22.12 -0.04
CA ARG C 138 19.94 -21.70 0.96
C ARG C 138 18.52 -21.99 0.49
N VAL C 139 18.28 -21.81 -0.81
CA VAL C 139 16.97 -22.11 -1.37
C VAL C 139 16.73 -23.60 -1.36
N ARG C 140 17.72 -24.38 -1.76
CA ARG C 140 17.57 -25.82 -1.75
C ARG C 140 17.22 -26.31 -0.34
N ALA C 141 17.92 -25.80 0.67
CA ALA C 141 17.69 -26.24 2.04
C ALA C 141 16.27 -25.92 2.51
N ALA C 142 15.80 -24.72 2.19
CA ALA C 142 14.46 -24.30 2.58
C ALA C 142 13.39 -25.13 1.87
N MET C 143 13.67 -25.50 0.63
CA MET C 143 12.73 -26.31 -0.14
C MET C 143 12.66 -27.76 0.36
N GLU C 144 13.80 -28.29 0.79
CA GLU C 144 13.77 -29.64 1.36
C GLU C 144 12.96 -29.66 2.66
N LYS C 145 13.06 -28.62 3.48
CA LYS C 145 12.24 -28.54 4.69
C LYS C 145 10.77 -28.39 4.32
N LEU C 146 10.49 -27.45 3.42
CA LEU C 146 9.14 -27.18 2.97
C LEU C 146 8.48 -28.42 2.37
N ALA C 147 9.27 -29.21 1.64
CA ALA C 147 8.76 -30.44 1.05
C ALA C 147 8.37 -31.44 2.12
N GLU C 148 8.96 -31.32 3.31
CA GLU C 148 8.72 -32.29 4.37
C GLU C 148 7.52 -31.92 5.23
N THR C 149 7.49 -30.69 5.73
CA THR C 149 6.46 -30.29 6.68
C THR C 149 5.53 -29.20 6.18
N GLY C 150 5.76 -28.73 4.95
CA GLY C 150 4.90 -27.70 4.38
C GLY C 150 3.56 -28.25 3.91
N THR C 151 2.65 -27.35 3.55
CA THR C 151 1.35 -27.74 3.05
C THR C 151 1.00 -26.99 1.77
N GLY C 152 0.03 -27.52 1.04
CA GLY C 152 -0.55 -26.80 -0.08
C GLY C 152 0.41 -26.34 -1.16
N PHE C 153 0.11 -25.17 -1.68
CA PHE C 153 0.88 -24.57 -2.77
C PHE C 153 2.37 -24.48 -2.41
N ALA C 154 2.67 -24.13 -1.17
CA ALA C 154 4.07 -23.96 -0.77
C ALA C 154 4.80 -25.30 -0.87
N ARG C 155 4.10 -26.38 -0.50
CA ARG C 155 4.70 -27.69 -0.57
C ARG C 155 4.85 -28.13 -2.03
N LYS C 156 3.86 -27.81 -2.85
CA LYS C 156 3.93 -28.08 -4.28
C LYS C 156 5.16 -27.41 -4.92
N VAL C 157 5.35 -26.14 -4.58
CA VAL C 157 6.50 -25.36 -5.08
C VAL C 157 7.81 -26.01 -4.68
N ALA C 158 7.89 -26.45 -3.43
CA ALA C 158 9.10 -27.10 -2.91
C ALA C 158 9.39 -28.42 -3.60
N VAL C 159 8.37 -29.26 -3.76
CA VAL C 159 8.55 -30.56 -4.41
C VAL C 159 8.98 -30.37 -5.86
N ASN C 160 8.30 -29.46 -6.57
CA ASN C 160 8.62 -29.16 -7.96
C ASN C 160 10.03 -28.59 -8.10
N TYR C 161 10.40 -27.71 -7.16
CA TYR C 161 11.75 -27.15 -7.18
C TYR C 161 12.78 -28.27 -7.14
N LEU C 162 12.63 -29.17 -6.17
CA LEU C 162 13.62 -30.22 -5.95
C LEU C 162 13.67 -31.18 -7.13
N GLU C 163 12.51 -31.44 -7.72
CA GLU C 163 12.42 -32.36 -8.84
C GLU C 163 13.06 -31.79 -10.10
N THR C 164 13.09 -30.47 -10.22
CA THR C 164 13.68 -29.84 -11.41
C THR C 164 15.04 -29.23 -11.10
N HIS C 165 15.56 -29.49 -9.90
CA HIS C 165 16.90 -29.02 -9.55
C HIS C 165 17.72 -30.18 -9.01
N LYS C 166 17.75 -31.28 -9.77
CA LYS C 166 18.50 -32.45 -9.36
C LYS C 166 20.01 -32.19 -9.46
N SER C 167 20.65 -32.31 -8.30
CA SER C 167 22.10 -32.22 -8.20
C SER C 167 22.77 -33.47 -8.73
N LEU C 168 23.98 -33.31 -9.24
CA LEU C 168 24.78 -34.46 -9.65
C LEU C 168 25.13 -35.30 -8.42
N ILE C 169 25.07 -34.64 -7.26
CA ILE C 169 25.40 -35.20 -5.96
C ILE C 169 26.83 -35.73 -5.94
N ALA D 1 35.91 -37.24 31.05
CA ALA D 1 34.60 -37.24 30.41
C ALA D 1 34.73 -37.50 28.91
N LEU D 2 34.20 -38.64 28.47
CA LEU D 2 34.29 -39.05 27.07
C LEU D 2 33.05 -38.66 26.27
N TYR D 3 33.26 -38.34 25.00
CA TYR D 3 32.18 -37.91 24.13
C TYR D 3 32.34 -38.53 22.74
N TYR D 4 31.21 -38.75 22.07
CA TYR D 4 31.25 -38.96 20.63
C TYR D 4 31.24 -37.60 19.95
N GLY D 5 32.04 -37.43 18.90
CA GLY D 5 31.90 -36.29 18.02
C GLY D 5 31.28 -36.75 16.73
N TRP D 6 30.40 -35.93 16.15
CA TRP D 6 29.70 -36.33 14.92
C TRP D 6 29.20 -35.11 14.15
N ASN D 7 29.01 -35.24 12.84
CA ASN D 7 28.37 -34.16 12.09
C ASN D 7 26.91 -34.51 11.82
N ASP D 8 26.06 -33.50 11.67
CA ASP D 8 24.61 -33.76 11.71
C ASP D 8 24.06 -34.18 10.36
N GLY D 9 24.93 -34.23 9.37
CA GLY D 9 24.57 -34.73 8.05
C GLY D 9 23.76 -33.76 7.22
N THR D 10 23.57 -32.54 7.72
CA THR D 10 22.74 -31.56 7.01
C THR D 10 23.52 -30.80 5.94
N ARG D 11 24.85 -30.79 6.02
CA ARG D 11 25.66 -29.96 5.14
C ARG D 11 26.18 -30.75 3.94
N GLN D 12 26.21 -30.08 2.79
CA GLN D 12 26.63 -30.68 1.52
C GLN D 12 28.11 -30.45 1.26
N SER D 13 28.70 -29.52 2.00
CA SER D 13 30.10 -29.13 1.78
C SER D 13 30.67 -28.50 3.05
N SER D 14 32.00 -28.38 3.10
CA SER D 14 32.68 -27.80 4.24
C SER D 14 32.25 -26.35 4.41
N PRO D 15 32.09 -25.89 5.66
CA PRO D 15 32.27 -26.65 6.91
C PRO D 15 31.05 -27.49 7.29
N TYR D 16 31.29 -28.65 7.89
CA TYR D 16 30.21 -29.47 8.41
C TYR D 16 29.83 -29.03 9.82
N PHE D 17 28.57 -29.26 10.19
CA PHE D 17 28.07 -28.86 11.48
C PHE D 17 28.26 -29.98 12.50
N LEU D 18 29.04 -29.71 13.55
CA LEU D 18 29.44 -30.72 14.51
C LEU D 18 28.78 -30.60 15.87
N TYR D 19 28.47 -31.77 16.42
CA TYR D 19 27.94 -31.85 17.79
C TYR D 19 28.73 -32.88 18.59
N VAL D 20 28.60 -32.81 19.90
CA VAL D 20 29.14 -33.87 20.75
C VAL D 20 28.01 -34.48 21.56
N SER D 21 28.20 -35.73 21.98
CA SER D 21 27.26 -36.45 22.84
C SER D 21 28.06 -37.22 23.88
N PRO D 22 27.67 -37.11 25.17
CA PRO D 22 28.36 -37.89 26.19
C PRO D 22 28.32 -39.39 25.86
N LYS D 23 29.48 -40.04 25.89
CA LYS D 23 29.59 -41.42 25.44
C LYS D 23 28.75 -42.40 26.26
N ASN D 24 28.65 -42.15 27.56
CA ASN D 24 27.92 -43.06 28.46
C ASN D 24 26.41 -42.98 28.32
N ALA D 25 25.94 -41.92 27.68
CA ALA D 25 24.52 -41.75 27.44
C ALA D 25 24.35 -40.90 26.20
N PRO D 26 24.68 -41.48 25.03
CA PRO D 26 24.69 -40.68 23.80
C PRO D 26 23.29 -40.44 23.28
N LYS D 27 22.94 -39.17 23.12
CA LYS D 27 21.68 -38.79 22.49
C LYS D 27 21.96 -37.83 21.35
N ARG D 28 21.13 -37.86 20.32
CA ARG D 28 21.28 -36.95 19.19
C ARG D 28 20.64 -35.60 19.55
N GLU D 29 21.19 -34.94 20.56
CA GLU D 29 20.62 -33.69 21.08
C GLU D 29 21.28 -32.49 20.42
N LEU D 30 20.47 -31.67 19.76
CA LEU D 30 20.99 -30.59 18.93
C LEU D 30 20.90 -29.24 19.62
N LYS D 31 21.09 -29.22 20.93
CA LYS D 31 20.97 -27.96 21.65
C LYS D 31 22.28 -27.18 21.58
N ASP D 32 22.20 -25.88 21.89
CA ASP D 32 23.35 -25.00 21.72
C ASP D 32 24.57 -25.46 22.49
N GLU D 33 24.34 -26.09 23.63
CA GLU D 33 25.43 -26.52 24.50
C GLU D 33 26.32 -27.60 23.86
N TYR D 34 25.76 -28.35 22.92
CA TYR D 34 26.52 -29.42 22.28
C TYR D 34 27.07 -29.04 20.90
N VAL D 35 26.86 -27.79 20.50
CA VAL D 35 27.46 -27.28 19.27
C VAL D 35 28.96 -27.14 19.47
N VAL D 36 29.75 -27.76 18.59
CA VAL D 36 31.20 -27.58 18.62
C VAL D 36 31.75 -27.34 17.21
N TYR D 37 33.06 -27.06 17.13
CA TYR D 37 33.70 -26.67 15.88
C TYR D 37 34.95 -27.48 15.60
N CYS D 38 35.30 -27.63 14.33
CA CYS D 38 36.55 -28.26 13.93
C CYS D 38 37.74 -27.34 14.27
N PHE D 39 38.65 -27.84 15.09
CA PHE D 39 39.79 -27.05 15.57
C PHE D 39 41.00 -27.24 14.66
N ASN D 40 40.93 -28.23 13.78
CA ASN D 40 42.05 -28.55 12.88
C ASN D 40 41.60 -28.74 11.43
N LYS D 41 41.69 -27.66 10.66
CA LYS D 41 41.25 -27.60 9.26
C LYS D 41 41.69 -28.78 8.40
N LYS D 42 42.92 -29.23 8.63
CA LYS D 42 43.54 -30.20 7.74
C LYS D 42 43.30 -31.65 8.15
N LEU D 43 42.60 -31.86 9.26
CA LEU D 43 42.33 -33.23 9.73
C LEU D 43 40.94 -33.67 9.34
N TYR D 44 40.57 -34.91 9.67
CA TYR D 44 39.31 -35.51 9.19
C TYR D 44 38.06 -35.06 9.96
N TRP D 45 36.99 -34.78 9.23
CA TRP D 45 35.70 -34.43 9.84
C TRP D 45 35.11 -35.64 10.56
N PRO D 46 34.50 -35.42 11.73
CA PRO D 46 33.79 -36.53 12.39
C PRO D 46 32.67 -37.10 11.52
N ASP D 47 32.51 -38.41 11.59
CA ASP D 47 31.45 -39.16 10.89
C ASP D 47 30.08 -38.58 11.14
N GLN D 48 29.19 -38.78 10.18
CA GLN D 48 27.84 -38.26 10.32
C GLN D 48 26.99 -39.18 11.20
N TRP D 49 26.07 -38.56 11.93
CA TRP D 49 25.01 -39.26 12.64
C TRP D 49 23.71 -38.81 12.00
N GLU D 50 23.18 -39.63 11.10
CA GLU D 50 22.01 -39.26 10.33
C GLU D 50 20.79 -39.13 11.22
N SER D 51 19.97 -38.11 10.94
CA SER D 51 18.81 -37.82 11.77
C SER D 51 17.76 -38.92 11.75
N ILE D 52 17.81 -39.77 10.72
CA ILE D 52 16.87 -40.90 10.66
C ILE D 52 17.09 -41.86 11.82
N TYR D 53 18.28 -41.84 12.41
CA TYR D 53 18.56 -42.67 13.58
C TYR D 53 18.38 -41.86 14.86
N SER D 54 17.14 -41.82 15.34
CA SER D 54 16.78 -40.97 16.47
C SER D 54 17.61 -41.25 17.71
N ASN D 55 17.81 -42.54 17.99
CA ASN D 55 18.59 -42.98 19.14
C ASN D 55 19.88 -43.60 18.66
N PHE D 56 20.91 -43.57 19.51
CA PHE D 56 22.22 -44.10 19.15
C PHE D 56 22.15 -45.59 18.81
N ASN D 57 21.25 -46.30 19.49
CA ASN D 57 21.12 -47.74 19.27
C ASN D 57 20.42 -48.07 17.95
N ASP D 58 19.82 -47.06 17.33
CA ASP D 58 19.22 -47.22 16.01
C ASP D 58 20.27 -47.27 14.90
N ILE D 59 21.40 -46.62 15.12
CA ILE D 59 22.48 -46.66 14.12
C ILE D 59 23.02 -48.08 13.96
N ARG D 60 23.07 -48.58 12.72
CA ARG D 60 23.56 -49.93 12.46
C ARG D 60 25.09 -49.94 12.42
N SER D 61 25.70 -50.94 13.03
CA SER D 61 27.12 -51.19 12.85
C SER D 61 27.42 -51.27 11.35
N PRO D 62 28.58 -50.75 10.90
CA PRO D 62 29.67 -50.13 11.67
C PRO D 62 29.59 -48.62 11.81
N TYR D 63 28.49 -48.01 11.36
CA TYR D 63 28.42 -46.55 11.31
C TYR D 63 28.17 -45.95 12.69
N ASN D 64 27.95 -46.81 13.69
CA ASN D 64 27.88 -46.33 15.06
C ASN D 64 29.28 -46.17 15.66
N ASP D 65 30.29 -46.51 14.87
CA ASP D 65 31.68 -46.27 15.27
C ASP D 65 31.99 -44.78 15.03
N LEU D 66 31.57 -43.96 15.99
CA LEU D 66 31.81 -42.52 15.95
C LEU D 66 33.12 -42.17 16.65
N PRO D 67 33.83 -41.16 16.14
CA PRO D 67 35.11 -40.82 16.80
C PRO D 67 34.88 -40.41 18.26
N VAL D 68 35.78 -40.82 19.14
CA VAL D 68 35.65 -40.60 20.58
C VAL D 68 36.62 -39.56 21.12
N TYR D 69 36.11 -38.64 21.95
CA TYR D 69 36.90 -37.49 22.42
C TYR D 69 36.96 -37.39 23.93
N GLU D 70 38.05 -36.83 24.45
CA GLU D 70 38.10 -36.45 25.87
C GLU D 70 37.93 -34.96 26.03
N LYS D 71 36.93 -34.56 26.81
CA LYS D 71 36.64 -33.15 27.07
C LYS D 71 37.52 -32.61 28.18
N LYS D 72 38.22 -31.51 27.88
CA LYS D 72 39.08 -30.84 28.86
C LYS D 72 38.81 -29.35 28.84
N LEU D 73 39.05 -28.67 29.96
CA LEU D 73 38.95 -27.22 29.99
C LEU D 73 40.08 -26.61 29.17
N GLY D 74 39.73 -25.73 28.24
CA GLY D 74 40.72 -25.09 27.40
C GLY D 74 41.49 -24.00 28.10
N TYR D 75 42.73 -23.81 27.68
CA TYR D 75 43.57 -22.71 28.13
C TYR D 75 44.66 -22.55 27.08
N ASP D 76 45.38 -21.45 27.11
CA ASP D 76 46.27 -21.09 25.99
C ASP D 76 47.23 -22.21 25.58
N GLY D 77 47.87 -22.83 26.58
CA GLY D 77 48.85 -23.87 26.32
C GLY D 77 48.33 -25.08 25.56
N ILE D 78 47.19 -25.61 25.97
CA ILE D 78 46.66 -26.82 25.35
C ILE D 78 46.03 -26.51 24.00
N PHE D 79 45.49 -25.30 23.84
CA PHE D 79 45.03 -24.85 22.54
C PHE D 79 46.18 -24.93 21.52
N LYS D 80 47.30 -24.27 21.85
CA LYS D 80 48.47 -24.29 20.97
C LYS D 80 49.06 -25.70 20.80
N GLN D 81 48.90 -26.55 21.80
CA GLN D 81 49.35 -27.94 21.69
C GLN D 81 48.59 -28.71 20.60
N TYR D 82 47.27 -28.57 20.59
CA TYR D 82 46.48 -29.34 19.65
C TYR D 82 46.14 -28.58 18.37
N ALA D 83 46.61 -27.34 18.28
CA ALA D 83 46.58 -26.62 17.01
C ALA D 83 47.94 -26.00 16.74
N PRO D 84 48.94 -26.84 16.39
CA PRO D 84 50.29 -26.34 16.15
C PRO D 84 50.37 -25.30 15.02
N ASP D 85 49.37 -25.28 14.14
CA ASP D 85 49.35 -24.35 13.02
C ASP D 85 48.67 -23.02 13.37
N TYR D 86 48.53 -22.76 14.66
CA TYR D 86 47.84 -21.55 15.12
C TYR D 86 48.52 -20.27 14.62
N LYS D 87 47.78 -19.17 14.59
CA LYS D 87 48.29 -17.88 14.12
C LYS D 87 49.40 -17.36 15.04
N LYS D 88 50.64 -17.39 14.56
CA LYS D 88 51.80 -17.21 15.43
C LYS D 88 51.94 -15.80 16.01
N ASP D 89 51.43 -14.77 15.33
CA ASP D 89 51.61 -13.42 15.86
C ASP D 89 50.57 -13.07 16.94
N ILE D 90 49.73 -14.04 17.29
CA ILE D 90 48.79 -13.89 18.38
C ILE D 90 49.42 -14.37 19.67
N SER D 91 49.58 -13.47 20.63
CA SER D 91 50.17 -13.81 21.92
C SER D 91 49.30 -14.77 22.71
N ASP D 92 48.04 -14.41 22.88
CA ASP D 92 47.12 -15.20 23.69
C ASP D 92 46.04 -15.81 22.80
N ILE D 93 46.24 -17.05 22.41
CA ILE D 93 45.29 -17.76 21.54
C ILE D 93 43.96 -18.03 22.25
N ALA D 94 44.02 -18.33 23.54
CA ALA D 94 42.80 -18.54 24.33
C ALA D 94 41.91 -17.30 24.32
N SER D 95 42.50 -16.13 24.53
CA SER D 95 41.73 -14.90 24.58
C SER D 95 41.15 -14.58 23.21
N ALA D 96 41.93 -14.87 22.17
CA ALA D 96 41.45 -14.72 20.80
C ALA D 96 40.24 -15.63 20.55
N LEU D 97 40.36 -16.90 20.91
CA LEU D 97 39.26 -17.86 20.68
C LEU D 97 38.01 -17.52 21.48
N VAL D 98 38.20 -17.16 22.75
CA VAL D 98 37.06 -16.80 23.60
C VAL D 98 36.29 -15.62 22.99
N ALA D 99 37.04 -14.65 22.45
CA ALA D 99 36.44 -13.49 21.80
C ALA D 99 35.60 -13.89 20.58
N VAL D 100 36.14 -14.76 19.74
CA VAL D 100 35.41 -15.20 18.56
C VAL D 100 34.12 -15.93 18.96
N LEU D 101 34.20 -16.84 19.92
CA LEU D 101 33.03 -17.64 20.30
C LEU D 101 32.00 -16.81 21.09
N SER D 102 32.47 -15.83 21.84
CA SER D 102 31.58 -14.93 22.57
C SER D 102 30.74 -14.09 21.62
N ASN D 103 31.35 -13.68 20.51
CA ASN D 103 30.68 -12.84 19.52
C ASN D 103 30.12 -13.64 18.37
N GLY D 104 30.34 -14.95 18.37
CA GLY D 104 29.88 -15.81 17.30
C GLY D 104 28.73 -16.73 17.70
N TYR D 105 28.54 -17.79 16.93
CA TYR D 105 27.42 -18.72 17.12
C TYR D 105 27.77 -19.86 18.08
N PRO D 106 26.85 -20.24 18.98
CA PRO D 106 25.48 -19.73 19.17
C PRO D 106 25.29 -18.66 20.25
N THR D 107 26.31 -18.39 21.07
CA THR D 107 26.18 -17.41 22.16
C THR D 107 25.61 -16.07 21.69
N ASN D 108 26.08 -15.58 20.55
CA ASN D 108 25.72 -14.25 20.06
C ASN D 108 24.83 -14.32 18.83
N LYS D 109 24.06 -15.40 18.71
CA LYS D 109 23.29 -15.66 17.49
C LYS D 109 22.25 -14.58 17.20
N SER D 110 21.72 -13.92 18.24
CA SER D 110 20.73 -12.89 18.02
C SER D 110 21.32 -11.68 17.31
N GLN D 111 22.39 -11.11 17.87
CA GLN D 111 23.02 -9.96 17.23
C GLN D 111 23.53 -10.28 15.82
N LEU D 112 24.10 -11.48 15.65
CA LEU D 112 24.56 -11.88 14.33
C LEU D 112 23.41 -11.87 13.31
N SER D 113 22.22 -12.23 13.77
CA SER D 113 21.06 -12.25 12.88
C SER D 113 20.54 -10.84 12.58
N THR D 114 20.55 -9.97 13.56
CA THR D 114 19.97 -8.64 13.38
C THR D 114 20.97 -7.64 12.79
N SER D 115 22.22 -7.72 13.23
CA SER D 115 23.25 -6.81 12.72
C SER D 115 23.72 -7.21 11.33
N TYR D 116 23.91 -8.50 11.12
CA TYR D 116 24.54 -8.98 9.90
C TYR D 116 23.59 -9.78 9.02
N HIS D 117 22.33 -9.85 9.45
CA HIS D 117 21.28 -10.46 8.65
C HIS D 117 21.64 -11.88 8.24
N LEU D 118 22.17 -12.65 9.20
CA LEU D 118 22.51 -14.04 8.96
C LEU D 118 21.50 -14.96 9.64
N ASN D 119 21.13 -16.06 8.98
CA ASN D 119 20.37 -17.07 9.68
C ASN D 119 21.37 -17.89 10.51
N ASN D 120 20.86 -18.77 11.36
CA ASN D 120 21.72 -19.54 12.25
C ASN D 120 22.78 -20.38 11.54
N ASP D 121 22.44 -20.92 10.36
CA ASP D 121 23.42 -21.71 9.61
C ASP D 121 24.57 -20.85 9.09
N SER D 122 24.26 -19.65 8.61
CA SER D 122 25.33 -18.75 8.19
C SER D 122 26.21 -18.30 9.37
N SER D 123 25.58 -18.02 10.51
CA SER D 123 26.32 -17.63 11.71
C SER D 123 27.29 -18.72 12.11
N ARG D 124 26.81 -19.96 12.03
CA ARG D 124 27.63 -21.09 12.42
C ARG D 124 28.80 -21.28 11.44
N LYS D 125 28.50 -21.19 10.15
CA LYS D 125 29.52 -21.25 9.12
C LYS D 125 30.60 -20.19 9.33
N VAL D 126 30.19 -18.94 9.51
CA VAL D 126 31.15 -17.84 9.69
C VAL D 126 32.01 -18.03 10.95
N THR D 127 31.40 -18.53 12.01
CA THR D 127 32.13 -18.79 13.26
C THR D 127 33.23 -19.84 13.08
N GLN D 128 32.93 -20.86 12.30
CA GLN D 128 33.93 -21.89 12.01
C GLN D 128 35.12 -21.29 11.27
N LEU D 129 34.84 -20.45 10.27
CA LEU D 129 35.91 -19.87 9.46
C LEU D 129 36.77 -18.94 10.31
N ALA D 130 36.13 -18.18 11.20
CA ALA D 130 36.88 -17.31 12.11
C ALA D 130 37.77 -18.10 13.06
N ILE D 131 37.27 -19.22 13.55
CA ILE D 131 38.09 -20.07 14.41
C ILE D 131 39.35 -20.54 13.69
N TRP D 132 39.21 -20.95 12.42
CA TRP D 132 40.35 -21.44 11.65
C TRP D 132 41.36 -20.33 11.32
N TYR D 133 40.89 -19.08 11.28
CA TYR D 133 41.83 -17.96 11.11
C TYR D 133 42.90 -18.01 12.21
N PHE D 134 42.46 -18.36 13.41
CA PHE D 134 43.36 -18.45 14.56
C PHE D 134 43.94 -19.86 14.76
N SER D 135 43.13 -20.90 14.52
CA SER D 135 43.58 -22.26 14.77
C SER D 135 44.54 -22.78 13.71
N ASP D 136 44.40 -22.31 12.47
CA ASP D 136 45.18 -22.86 11.35
C ASP D 136 45.88 -21.81 10.49
N SER D 137 45.89 -20.56 10.95
CA SER D 137 46.55 -19.48 10.23
C SER D 137 45.98 -19.32 8.82
N LEU D 138 44.68 -19.56 8.68
CA LEU D 138 44.05 -19.38 7.38
C LEU D 138 43.97 -17.88 7.07
N THR D 139 44.39 -17.51 5.86
CA THR D 139 44.38 -16.11 5.42
C THR D 139 42.95 -15.62 5.17
N LYS D 140 42.75 -14.31 5.26
CA LYS D 140 41.44 -13.74 4.94
C LYS D 140 41.05 -14.05 3.50
N GLU D 141 42.03 -14.02 2.60
CA GLU D 141 41.74 -14.31 1.18
C GLU D 141 41.26 -15.74 0.99
N TYR D 142 41.89 -16.68 1.64
CA TYR D 142 41.44 -18.07 1.54
C TYR D 142 40.02 -18.19 2.06
N LEU D 143 39.76 -17.58 3.20
CA LEU D 143 38.46 -17.70 3.86
C LEU D 143 37.35 -17.02 3.06
N LYS D 144 37.64 -15.83 2.55
CA LYS D 144 36.61 -15.00 1.94
C LYS D 144 36.54 -15.11 0.43
N ASP D 145 37.68 -15.37 -0.22
CA ASP D 145 37.77 -15.26 -1.68
C ASP D 145 38.08 -16.57 -2.41
N THR D 146 39.09 -17.30 -1.96
CA THR D 146 39.64 -18.36 -2.80
C THR D 146 39.39 -19.79 -2.34
N GLY D 147 38.90 -19.96 -1.12
CA GLY D 147 38.72 -21.29 -0.55
C GLY D 147 37.40 -21.98 -0.90
N GLY D 148 36.56 -21.30 -1.66
CA GLY D 148 35.32 -21.92 -2.14
C GLY D 148 34.14 -21.94 -1.16
N TYR D 149 34.17 -21.08 -0.15
CA TYR D 149 33.10 -21.09 0.85
C TYR D 149 31.88 -20.28 0.41
N ASN D 150 31.99 -19.61 -0.73
CA ASN D 150 30.88 -18.86 -1.32
C ASN D 150 30.18 -17.94 -0.33
N LEU D 151 30.94 -17.11 0.36
CA LEU D 151 30.35 -16.17 1.30
C LEU D 151 29.65 -15.04 0.56
N ASN D 152 28.48 -14.64 1.05
CA ASN D 152 27.83 -13.45 0.53
C ASN D 152 28.38 -12.26 1.29
N ASP D 153 28.01 -11.04 0.89
CA ASP D 153 28.61 -9.84 1.46
C ASP D 153 28.41 -9.71 2.98
N MET D 154 27.21 -10.05 3.45
CA MET D 154 26.91 -10.03 4.89
C MET D 154 27.80 -11.01 5.68
N GLU D 155 28.00 -12.20 5.13
CA GLU D 155 28.90 -13.19 5.72
C GLU D 155 30.34 -12.69 5.79
N LYS D 156 30.79 -12.03 4.73
CA LYS D 156 32.16 -11.52 4.70
C LYS D 156 32.32 -10.43 5.77
N LYS D 157 31.30 -9.60 5.92
CA LYS D 157 31.32 -8.57 6.96
C LYS D 157 31.31 -9.18 8.36
N ALA D 158 30.45 -10.18 8.60
CA ALA D 158 30.40 -10.85 9.89
C ALA D 158 31.73 -11.54 10.24
N LEU D 159 32.36 -12.12 9.23
CA LEU D 159 33.65 -12.76 9.44
C LEU D 159 34.72 -11.74 9.83
N ASP D 160 34.77 -10.60 9.13
CA ASP D 160 35.69 -9.53 9.49
C ASP D 160 35.46 -9.13 10.94
N PHE D 161 34.18 -9.12 11.32
CA PHE D 161 33.78 -8.69 12.64
C PHE D 161 34.31 -9.67 13.69
N LEU D 162 34.12 -10.97 13.45
CA LEU D 162 34.62 -11.97 14.38
C LEU D 162 36.14 -12.00 14.49
N ILE D 163 36.81 -11.90 13.34
CA ILE D 163 38.27 -11.91 13.34
C ILE D 163 38.79 -10.68 14.06
N SER D 164 38.15 -9.53 13.82
CA SER D 164 38.50 -8.30 14.53
C SER D 164 38.40 -8.47 16.05
N LYS D 165 37.38 -9.17 16.52
CA LYS D 165 37.20 -9.39 17.96
C LYS D 165 38.32 -10.27 18.50
N GLY D 166 38.72 -11.25 17.70
CA GLY D 166 39.80 -12.14 18.05
C GLY D 166 41.08 -11.35 18.22
N GLU D 167 41.42 -10.54 17.21
CA GLU D 167 42.68 -9.81 17.20
C GLU D 167 42.68 -8.68 18.23
N ASP D 168 41.52 -8.10 18.51
CA ASP D 168 41.46 -6.94 19.40
C ASP D 168 41.44 -7.29 20.89
N SER D 169 41.27 -8.57 21.22
CA SER D 169 41.20 -8.97 22.63
C SER D 169 42.51 -8.67 23.37
N ASN D 177 37.00 -14.93 34.68
CA ASN D 177 36.53 -14.79 33.31
C ASN D 177 35.99 -16.09 32.73
N TYR D 178 36.15 -16.27 31.42
CA TYR D 178 35.57 -17.43 30.76
C TYR D 178 36.60 -18.23 29.99
N SER D 179 36.22 -19.46 29.64
CA SER D 179 37.04 -20.26 28.75
C SER D 179 36.16 -21.17 27.91
N LEU D 180 36.80 -21.96 27.06
CA LEU D 180 36.12 -22.87 26.16
C LEU D 180 36.62 -24.28 26.42
N ASP D 181 35.76 -25.26 26.20
CA ASP D 181 36.20 -26.65 26.30
C ASP D 181 36.97 -27.04 25.06
N ILE D 182 37.99 -27.89 25.22
CA ILE D 182 38.57 -28.54 24.06
C ILE D 182 38.23 -30.04 24.10
N TYR D 183 37.89 -30.60 22.93
CA TYR D 183 37.67 -32.04 22.83
C TYR D 183 38.83 -32.65 22.07
N VAL D 184 39.61 -33.45 22.76
CA VAL D 184 40.80 -34.07 22.20
C VAL D 184 40.45 -35.42 21.64
N TYR D 185 40.67 -35.59 20.34
CA TYR D 185 40.44 -36.85 19.68
C TYR D 185 41.28 -37.95 20.31
N GLN D 186 40.62 -39.07 20.61
CA GLN D 186 41.25 -40.20 21.27
C GLN D 186 41.35 -41.40 20.33
N SER D 187 40.22 -41.83 19.80
CA SER D 187 40.12 -43.07 19.03
C SER D 187 38.77 -43.22 18.34
N GLY D 188 38.66 -44.27 17.53
CA GLY D 188 37.42 -44.59 16.86
C GLY D 188 37.17 -43.79 15.59
N GLY D 189 36.03 -44.04 14.95
CA GLY D 189 35.66 -43.33 13.74
C GLY D 189 35.70 -44.25 12.54
N HIS D 190 34.54 -44.59 11.98
CA HIS D 190 34.52 -45.59 10.92
C HIS D 190 35.14 -45.08 9.62
N ASP D 191 34.86 -43.81 9.28
CA ASP D 191 35.31 -43.24 8.03
C ASP D 191 36.82 -43.24 7.87
N HIS D 192 37.54 -42.89 8.93
CA HIS D 192 38.99 -42.73 8.79
C HIS D 192 39.83 -43.50 9.81
N MET D 193 39.19 -43.97 10.89
CA MET D 193 39.86 -44.76 11.93
C MET D 193 40.94 -44.00 12.74
N LYS D 194 41.36 -42.83 12.27
CA LYS D 194 42.38 -42.02 12.94
C LYS D 194 42.49 -40.62 12.35
N ASP D 195 43.31 -39.78 13.00
CA ASP D 195 43.64 -38.43 12.51
C ASP D 195 42.41 -37.55 12.27
N TYR D 196 41.41 -37.73 13.11
CA TYR D 196 40.26 -36.85 13.11
C TYR D 196 40.62 -35.51 13.76
N GLN D 197 39.87 -34.47 13.41
CA GLN D 197 40.03 -33.18 14.05
C GLN D 197 39.83 -33.24 15.55
N ASN D 198 40.61 -32.46 16.29
CA ASN D 198 40.21 -32.09 17.63
C ASN D 198 39.09 -31.05 17.50
N LEU D 199 38.27 -30.91 18.53
CA LEU D 199 37.09 -30.08 18.44
C LEU D 199 37.15 -28.97 19.46
N LEU D 200 36.56 -27.83 19.15
CA LEU D 200 36.53 -26.70 20.06
C LEU D 200 35.09 -26.43 20.51
N GLY D 201 34.86 -26.33 21.82
CA GLY D 201 33.54 -26.04 22.34
C GLY D 201 33.08 -24.64 21.97
N SER D 202 31.77 -24.40 22.01
CA SER D 202 31.23 -23.10 21.62
C SER D 202 30.56 -22.40 22.79
N THR D 203 30.63 -23.04 23.95
CA THR D 203 30.00 -22.54 25.17
C THR D 203 31.03 -21.91 26.11
N LEU D 204 30.77 -20.69 26.55
CA LEU D 204 31.64 -20.01 27.49
C LEU D 204 31.54 -20.66 28.86
N ILE D 205 32.67 -21.14 29.38
CA ILE D 205 32.73 -21.82 30.67
C ILE D 205 33.25 -20.89 31.75
N PRO D 206 32.55 -20.83 32.90
CA PRO D 206 32.96 -20.01 34.04
C PRO D 206 34.42 -20.21 34.46
N ALA E 1 -34.63 23.82 -20.93
CA ALA E 1 -33.66 23.00 -20.21
C ALA E 1 -33.67 23.34 -18.73
N LEU E 2 -34.06 22.38 -17.91
CA LEU E 2 -34.18 22.60 -16.48
C LEU E 2 -32.98 22.02 -15.74
N TYR E 3 -32.57 22.74 -14.69
CA TYR E 3 -31.40 22.39 -13.89
C TYR E 3 -31.71 22.42 -12.40
N TYR E 4 -31.07 21.55 -11.62
CA TYR E 4 -31.00 21.75 -10.17
C TYR E 4 -29.83 22.67 -9.87
N GLY E 5 -30.00 23.54 -8.87
CA GLY E 5 -28.91 24.34 -8.35
C GLY E 5 -28.63 23.89 -6.93
N TRP E 6 -27.36 23.85 -6.56
CA TRP E 6 -27.01 23.36 -5.23
C TRP E 6 -25.68 23.93 -4.78
N ASN E 7 -25.45 23.99 -3.47
CA ASN E 7 -24.12 24.35 -3.02
C ASN E 7 -23.40 23.07 -2.60
N ASP E 8 -22.07 23.07 -2.67
CA ASP E 8 -21.35 21.80 -2.52
C ASP E 8 -21.07 21.42 -1.07
N GLY E 9 -21.55 22.23 -0.12
CA GLY E 9 -21.43 21.90 1.28
C GLY E 9 -20.04 22.13 1.90
N THR E 10 -19.12 22.68 1.12
CA THR E 10 -17.75 22.86 1.64
C THR E 10 -17.57 24.22 2.33
N ARG E 11 -18.34 25.21 1.92
CA ARG E 11 -18.20 26.55 2.50
C ARG E 11 -18.97 26.65 3.82
N GLN E 12 -18.42 27.38 4.78
CA GLN E 12 -19.04 27.54 6.08
C GLN E 12 -19.69 28.92 6.23
N SER E 13 -19.42 29.80 5.28
CA SER E 13 -20.04 31.11 5.28
C SER E 13 -20.07 31.66 3.87
N SER E 14 -20.80 32.75 3.67
CA SER E 14 -20.86 33.40 2.36
C SER E 14 -19.47 33.78 1.84
N PRO E 15 -19.21 33.59 0.55
CA PRO E 15 -20.09 32.99 -0.45
C PRO E 15 -19.98 31.49 -0.49
N TYR E 16 -21.09 30.82 -0.74
CA TYR E 16 -21.08 29.38 -0.92
C TYR E 16 -20.73 29.00 -2.37
N PHE E 17 -20.19 27.81 -2.55
CA PHE E 17 -19.78 27.39 -3.87
C PHE E 17 -20.92 26.65 -4.57
N LEU E 18 -21.35 27.17 -5.71
CA LEU E 18 -22.56 26.67 -6.36
C LEU E 18 -22.30 25.91 -7.65
N TYR E 19 -23.12 24.88 -7.88
CA TYR E 19 -23.09 24.10 -9.11
C TYR E 19 -24.50 23.94 -9.64
N VAL E 20 -24.64 23.57 -10.92
CA VAL E 20 -25.93 23.16 -11.44
C VAL E 20 -25.78 21.76 -12.03
N SER E 21 -26.90 21.05 -12.10
CA SER E 21 -26.95 19.73 -12.73
C SER E 21 -28.21 19.68 -13.58
N PRO E 22 -28.13 19.09 -14.79
CA PRO E 22 -29.35 18.95 -15.60
C PRO E 22 -30.41 18.12 -14.86
N LYS E 23 -31.65 18.60 -14.82
CA LYS E 23 -32.68 17.97 -14.02
C LYS E 23 -33.02 16.59 -14.59
N ASN E 24 -32.82 16.48 -15.90
CA ASN E 24 -32.99 15.26 -16.68
C ASN E 24 -32.14 14.10 -16.21
N ALA E 25 -30.89 14.41 -15.86
CA ALA E 25 -29.92 13.38 -15.48
C ALA E 25 -28.95 13.96 -14.48
N PRO E 26 -29.40 14.17 -13.24
CA PRO E 26 -28.57 14.89 -12.28
C PRO E 26 -27.42 14.07 -11.71
N LYS E 27 -26.20 14.60 -11.85
CA LYS E 27 -25.04 14.00 -11.23
C LYS E 27 -24.35 15.07 -10.38
N ARG E 28 -23.65 14.65 -9.34
CA ARG E 28 -22.91 15.59 -8.51
C ARG E 28 -21.53 15.83 -9.13
N GLU E 29 -21.52 16.44 -10.31
CA GLU E 29 -20.28 16.67 -11.06
C GLU E 29 -19.71 18.06 -10.78
N LEU E 30 -18.48 18.06 -10.27
CA LEU E 30 -17.80 19.27 -9.86
C LEU E 30 -16.88 19.81 -10.95
N LYS E 31 -17.29 19.69 -12.21
CA LYS E 31 -16.45 20.13 -13.31
C LYS E 31 -16.63 21.63 -13.56
N ASP E 32 -15.62 22.24 -14.18
CA ASP E 32 -15.59 23.69 -14.36
C ASP E 32 -16.83 24.19 -15.08
N GLU E 33 -17.35 23.39 -16.00
CA GLU E 33 -18.48 23.79 -16.82
C GLU E 33 -19.76 23.96 -16.00
N TYR E 34 -19.83 23.33 -14.83
CA TYR E 34 -21.03 23.39 -13.99
C TYR E 34 -20.93 24.39 -12.85
N VAL E 35 -19.79 25.07 -12.74
CA VAL E 35 -19.60 26.10 -11.73
C VAL E 35 -20.50 27.29 -12.06
N VAL E 36 -21.31 27.72 -11.09
CA VAL E 36 -22.11 28.93 -11.28
C VAL E 36 -21.99 29.87 -10.07
N TYR E 37 -22.53 31.07 -10.23
CA TYR E 37 -22.46 32.06 -9.17
C TYR E 37 -23.82 32.62 -8.76
N CYS E 38 -23.91 33.09 -7.52
CA CYS E 38 -25.11 33.75 -7.06
C CYS E 38 -25.27 35.11 -7.77
N PHE E 39 -26.38 35.30 -8.49
CA PHE E 39 -26.58 36.53 -9.23
C PHE E 39 -27.34 37.58 -8.40
N ASN E 40 -27.87 37.15 -7.25
CA ASN E 40 -28.69 38.01 -6.39
C ASN E 40 -28.26 37.95 -4.94
N LYS E 41 -27.41 38.89 -4.56
CA LYS E 41 -26.87 38.96 -3.19
C LYS E 41 -27.91 38.77 -2.08
N LYS E 42 -29.08 39.39 -2.25
CA LYS E 42 -30.08 39.43 -1.17
C LYS E 42 -31.00 38.20 -1.13
N LEU E 43 -30.93 37.32 -2.12
CA LEU E 43 -31.86 36.18 -2.16
C LEU E 43 -31.22 34.93 -1.55
N TYR E 44 -31.98 33.83 -1.45
CA TYR E 44 -31.47 32.64 -0.73
C TYR E 44 -30.47 31.80 -1.50
N TRP E 45 -29.48 31.25 -0.82
CA TRP E 45 -28.54 30.31 -1.46
C TRP E 45 -29.22 28.97 -1.75
N PRO E 46 -28.91 28.36 -2.90
CA PRO E 46 -29.34 26.97 -3.16
C PRO E 46 -28.93 26.01 -2.04
N ASP E 47 -29.81 25.07 -1.74
CA ASP E 47 -29.58 24.03 -0.75
C ASP E 47 -28.31 23.26 -1.04
N GLN E 48 -27.75 22.66 -0.01
CA GLN E 48 -26.57 21.82 -0.20
C GLN E 48 -26.91 20.44 -0.78
N TRP E 49 -26.02 19.94 -1.64
CA TRP E 49 -26.00 18.54 -2.03
C TRP E 49 -24.78 17.90 -1.36
N GLU E 50 -25.02 17.15 -0.28
CA GLU E 50 -23.93 16.60 0.49
C GLU E 50 -23.14 15.59 -0.32
N SER E 51 -21.81 15.67 -0.20
CA SER E 51 -20.91 14.77 -0.90
C SER E 51 -21.12 13.31 -0.50
N ILE E 52 -21.79 13.07 0.63
CA ILE E 52 -22.03 11.73 1.17
C ILE E 52 -23.00 11.01 0.28
N TYR E 53 -23.78 11.79 -0.48
CA TYR E 53 -24.66 11.23 -1.49
C TYR E 53 -24.08 11.40 -2.88
N SER E 54 -23.29 10.43 -3.35
CA SER E 54 -22.63 10.57 -4.66
C SER E 54 -23.63 10.47 -5.80
N ASN E 55 -24.71 9.75 -5.57
CA ASN E 55 -25.78 9.64 -6.55
C ASN E 55 -27.01 10.38 -6.08
N PHE E 56 -27.66 11.11 -6.99
CA PHE E 56 -28.86 11.87 -6.65
C PHE E 56 -29.95 11.01 -5.99
N ASN E 57 -30.16 9.81 -6.53
CA ASN E 57 -31.17 8.91 -5.99
C ASN E 57 -30.88 8.46 -4.56
N ASP E 58 -29.66 8.72 -4.10
CA ASP E 58 -29.31 8.38 -2.72
C ASP E 58 -29.70 9.48 -1.71
N ILE E 59 -29.94 10.69 -2.19
CA ILE E 59 -30.38 11.78 -1.31
C ILE E 59 -31.73 11.43 -0.71
N ARG E 60 -31.81 11.45 0.62
CA ARG E 60 -33.06 11.12 1.31
C ARG E 60 -34.02 12.31 1.30
N SER E 61 -35.31 12.04 1.11
CA SER E 61 -36.31 13.08 1.25
C SER E 61 -36.21 13.67 2.66
N PRO E 62 -36.40 15.00 2.79
CA PRO E 62 -36.80 15.96 1.76
C PRO E 62 -35.65 16.72 1.08
N TYR E 63 -34.42 16.27 1.28
CA TYR E 63 -33.27 17.07 0.86
C TYR E 63 -32.97 16.95 -0.63
N ASN E 64 -33.68 16.05 -1.30
CA ASN E 64 -33.60 15.93 -2.75
C ASN E 64 -34.48 16.98 -3.44
N ASP E 65 -35.19 17.76 -2.66
CA ASP E 65 -35.93 18.90 -3.19
C ASP E 65 -34.96 20.06 -3.34
N LEU E 66 -34.19 20.04 -4.43
CA LEU E 66 -33.25 21.13 -4.74
C LEU E 66 -33.96 22.17 -5.59
N PRO E 67 -33.52 23.43 -5.50
CA PRO E 67 -34.21 24.45 -6.30
C PRO E 67 -34.00 24.21 -7.79
N VAL E 68 -35.06 24.45 -8.55
CA VAL E 68 -35.05 24.16 -9.98
C VAL E 68 -34.95 25.45 -10.77
N TYR E 69 -34.15 25.42 -11.83
CA TYR E 69 -33.82 26.60 -12.64
C TYR E 69 -34.07 26.33 -14.10
N GLU E 70 -34.41 27.37 -14.85
CA GLU E 70 -34.41 27.31 -16.31
C GLU E 70 -33.17 28.01 -16.86
N LYS E 71 -32.41 27.31 -17.68
CA LYS E 71 -31.21 27.92 -18.24
C LYS E 71 -31.59 28.73 -19.47
N LYS E 72 -31.18 30.00 -19.48
CA LYS E 72 -31.42 30.90 -20.60
C LYS E 72 -30.12 31.52 -21.07
N LEU E 73 -30.04 31.86 -22.35
CA LEU E 73 -28.89 32.59 -22.82
C LEU E 73 -28.98 34.01 -22.32
N GLY E 74 -27.91 34.48 -21.68
CA GLY E 74 -27.94 35.81 -21.11
C GLY E 74 -27.66 36.89 -22.12
N TYR E 75 -28.28 38.05 -21.91
CA TYR E 75 -28.00 39.26 -22.66
C TYR E 75 -28.37 40.43 -21.75
N ASP E 76 -28.01 41.65 -22.15
CA ASP E 76 -28.06 42.79 -21.24
C ASP E 76 -29.43 43.01 -20.58
N GLY E 77 -30.49 43.00 -21.39
CA GLY E 77 -31.83 43.22 -20.89
C GLY E 77 -32.26 42.23 -19.83
N ILE E 78 -31.97 40.94 -20.04
CA ILE E 78 -32.39 39.92 -19.08
C ILE E 78 -31.48 39.89 -17.84
N PHE E 79 -30.21 40.27 -17.99
CA PHE E 79 -29.32 40.45 -16.83
C PHE E 79 -29.87 41.51 -15.90
N LYS E 80 -30.38 42.59 -16.50
CA LYS E 80 -30.90 43.70 -15.73
C LYS E 80 -32.26 43.37 -15.14
N GLN E 81 -33.06 42.61 -15.86
CA GLN E 81 -34.36 42.15 -15.36
C GLN E 81 -34.22 41.30 -14.08
N TYR E 82 -33.25 40.40 -14.05
CA TYR E 82 -33.18 39.49 -12.91
C TYR E 82 -32.20 39.97 -11.85
N ALA E 83 -31.51 41.06 -12.15
CA ALA E 83 -30.71 41.76 -11.14
C ALA E 83 -31.06 43.26 -11.12
N PRO E 84 -32.25 43.60 -10.60
CA PRO E 84 -32.73 45.00 -10.61
C PRO E 84 -31.85 45.95 -9.81
N ASP E 85 -31.03 45.40 -8.92
CA ASP E 85 -30.12 46.21 -8.12
C ASP E 85 -28.77 46.39 -8.79
N TYR E 86 -28.72 46.15 -10.10
CA TYR E 86 -27.46 46.21 -10.83
C TYR E 86 -26.87 47.62 -10.77
N LYS E 87 -25.55 47.71 -10.99
CA LYS E 87 -24.82 48.97 -10.93
C LYS E 87 -25.32 49.91 -12.04
N LYS E 88 -26.03 50.96 -11.63
CA LYS E 88 -26.81 51.76 -12.57
C LYS E 88 -25.97 52.58 -13.55
N ASP E 89 -24.74 52.92 -13.17
CA ASP E 89 -23.91 53.72 -14.06
C ASP E 89 -23.14 52.86 -15.06
N ILE E 90 -23.52 51.59 -15.15
CA ILE E 90 -22.97 50.71 -16.17
C ILE E 90 -24.00 50.52 -17.29
N SER E 91 -23.67 51.00 -18.49
CA SER E 91 -24.59 50.93 -19.61
C SER E 91 -24.81 49.49 -20.08
N ASP E 92 -23.72 48.77 -20.32
CA ASP E 92 -23.81 47.40 -20.79
C ASP E 92 -23.36 46.45 -19.69
N ILE E 93 -24.32 45.98 -18.90
CA ILE E 93 -24.02 45.08 -17.78
C ILE E 93 -23.52 43.75 -18.31
N ALA E 94 -24.02 43.34 -19.47
CA ALA E 94 -23.62 42.07 -20.05
C ALA E 94 -22.12 42.02 -20.36
N SER E 95 -21.59 43.04 -21.03
CA SER E 95 -20.17 43.04 -21.37
C SER E 95 -19.33 43.15 -20.09
N ALA E 96 -19.82 43.90 -19.11
CA ALA E 96 -19.11 43.98 -17.84
C ALA E 96 -19.06 42.60 -17.17
N LEU E 97 -20.20 41.92 -17.13
CA LEU E 97 -20.24 40.58 -16.54
C LEU E 97 -19.37 39.60 -17.35
N VAL E 98 -19.45 39.69 -18.66
CA VAL E 98 -18.62 38.85 -19.52
C VAL E 98 -17.13 39.11 -19.24
N ALA E 99 -16.76 40.37 -19.04
CA ALA E 99 -15.38 40.71 -18.72
C ALA E 99 -14.94 40.08 -17.40
N VAL E 100 -15.82 40.10 -16.40
CA VAL E 100 -15.48 39.58 -15.09
C VAL E 100 -15.23 38.07 -15.19
N LEU E 101 -16.14 37.38 -15.87
CA LEU E 101 -16.07 35.92 -15.93
C LEU E 101 -14.93 35.45 -16.84
N SER E 102 -14.65 36.21 -17.90
CA SER E 102 -13.54 35.91 -18.80
C SER E 102 -12.20 35.95 -18.06
N ASN E 103 -12.10 36.89 -17.12
CA ASN E 103 -10.88 37.09 -16.35
C ASN E 103 -10.90 36.43 -14.99
N GLY E 104 -12.05 35.87 -14.62
CA GLY E 104 -12.23 35.23 -13.33
C GLY E 104 -12.25 33.71 -13.35
N TYR E 105 -12.83 33.12 -12.31
CA TYR E 105 -12.81 31.68 -12.11
C TYR E 105 -14.06 31.04 -12.71
N PRO E 106 -13.92 29.92 -13.42
CA PRO E 106 -12.70 29.11 -13.66
C PRO E 106 -11.96 29.37 -14.96
N THR E 107 -12.52 30.17 -15.86
CA THR E 107 -11.94 30.35 -17.20
C THR E 107 -10.48 30.81 -17.12
N ASN E 108 -10.20 31.70 -16.17
CA ASN E 108 -8.88 32.31 -16.04
C ASN E 108 -8.20 31.88 -14.75
N LYS E 109 -8.50 30.68 -14.28
CA LYS E 109 -7.93 30.20 -13.02
C LYS E 109 -6.40 30.13 -13.01
N SER E 110 -5.78 29.88 -14.16
CA SER E 110 -4.34 29.71 -14.18
C SER E 110 -3.62 31.03 -13.93
N GLN E 111 -4.07 32.09 -14.63
CA GLN E 111 -3.47 33.40 -14.40
C GLN E 111 -3.76 33.88 -12.99
N LEU E 112 -4.97 33.62 -12.50
CA LEU E 112 -5.31 34.03 -11.14
C LEU E 112 -4.42 33.36 -10.10
N SER E 113 -4.09 32.09 -10.34
CA SER E 113 -3.23 31.35 -9.43
C SER E 113 -1.77 31.83 -9.53
N THR E 114 -1.28 31.97 -10.75
CA THR E 114 0.10 32.36 -10.98
C THR E 114 0.39 33.80 -10.63
N SER E 115 -0.38 34.71 -11.21
CA SER E 115 -0.04 36.13 -11.14
C SER E 115 -0.65 36.83 -9.94
N TYR E 116 -1.72 36.27 -9.37
CA TYR E 116 -2.31 36.86 -8.18
C TYR E 116 -2.17 35.96 -6.94
N HIS E 117 -1.47 34.84 -7.09
CA HIS E 117 -1.06 34.00 -5.96
C HIS E 117 -2.23 33.42 -5.18
N LEU E 118 -3.31 33.11 -5.88
CA LEU E 118 -4.52 32.56 -5.26
C LEU E 118 -4.66 31.06 -5.51
N ASN E 119 -5.27 30.33 -4.59
CA ASN E 119 -5.72 28.99 -4.93
C ASN E 119 -7.14 29.10 -5.53
N ASN E 120 -7.66 28.00 -6.06
CA ASN E 120 -8.95 28.04 -6.76
C ASN E 120 -10.10 28.52 -5.86
N ASP E 121 -10.04 28.18 -4.58
CA ASP E 121 -11.04 28.65 -3.62
C ASP E 121 -11.08 30.17 -3.56
N SER E 122 -9.91 30.80 -3.46
CA SER E 122 -9.83 32.26 -3.39
C SER E 122 -10.30 32.86 -4.71
N SER E 123 -9.83 32.29 -5.81
CA SER E 123 -10.24 32.78 -7.12
C SER E 123 -11.76 32.79 -7.29
N ARG E 124 -12.40 31.73 -6.81
CA ARG E 124 -13.85 31.59 -6.91
C ARG E 124 -14.55 32.60 -6.02
N LYS E 125 -14.05 32.77 -4.81
CA LYS E 125 -14.64 33.73 -3.86
C LYS E 125 -14.58 35.14 -4.43
N VAL E 126 -13.40 35.53 -4.91
CA VAL E 126 -13.18 36.86 -5.48
C VAL E 126 -14.04 37.09 -6.74
N THR E 127 -14.20 36.06 -7.56
CA THR E 127 -15.07 36.18 -8.73
C THR E 127 -16.52 36.45 -8.33
N GLN E 128 -17.01 35.73 -7.32
CA GLN E 128 -18.35 35.95 -6.79
C GLN E 128 -18.51 37.39 -6.31
N LEU E 129 -17.51 37.88 -5.59
CA LEU E 129 -17.61 39.23 -5.05
C LEU E 129 -17.65 40.26 -6.19
N ALA E 130 -16.81 40.06 -7.20
CA ALA E 130 -16.78 40.98 -8.34
C ALA E 130 -18.10 40.97 -9.14
N ILE E 131 -18.71 39.79 -9.26
CA ILE E 131 -20.02 39.71 -9.90
C ILE E 131 -21.01 40.59 -9.15
N TRP E 132 -20.97 40.54 -7.82
CA TRP E 132 -21.90 41.30 -6.99
C TRP E 132 -21.70 42.81 -7.07
N TYR E 133 -20.45 43.25 -7.29
CA TYR E 133 -20.20 44.66 -7.57
C TYR E 133 -21.14 45.16 -8.68
N PHE E 134 -21.33 44.36 -9.70
CA PHE E 134 -22.17 44.73 -10.84
C PHE E 134 -23.63 44.30 -10.72
N SER E 135 -23.89 43.17 -10.07
CA SER E 135 -25.25 42.63 -10.01
C SER E 135 -26.06 43.27 -8.91
N ASP E 136 -25.37 43.78 -7.90
CA ASP E 136 -26.02 44.27 -6.69
C ASP E 136 -25.50 45.60 -6.20
N SER E 137 -24.70 46.28 -7.02
CA SER E 137 -24.12 47.58 -6.67
C SER E 137 -23.36 47.54 -5.35
N LEU E 138 -22.69 46.44 -5.06
CA LEU E 138 -21.92 46.37 -3.82
C LEU E 138 -20.67 47.24 -3.90
N THR E 139 -20.42 48.02 -2.85
CA THR E 139 -19.28 48.94 -2.83
C THR E 139 -17.99 48.19 -2.56
N LYS E 140 -16.87 48.78 -2.99
CA LYS E 140 -15.57 48.17 -2.68
C LYS E 140 -15.33 48.02 -1.18
N GLU E 141 -15.82 48.98 -0.39
CA GLU E 141 -15.61 48.92 1.05
C GLU E 141 -16.39 47.77 1.67
N TYR E 142 -17.63 47.58 1.24
CA TYR E 142 -18.39 46.43 1.74
C TYR E 142 -17.67 45.11 1.39
N LEU E 143 -17.21 45.00 0.16
CA LEU E 143 -16.58 43.75 -0.28
C LEU E 143 -15.23 43.49 0.39
N LYS E 144 -14.42 44.55 0.52
CA LYS E 144 -13.06 44.40 1.04
C LYS E 144 -12.89 44.66 2.53
N ASP E 145 -13.74 45.50 3.10
CA ASP E 145 -13.52 45.98 4.47
C ASP E 145 -14.62 45.62 5.48
N THR E 146 -15.88 45.89 5.14
CA THR E 146 -16.91 45.88 6.18
C THR E 146 -17.89 44.72 6.12
N GLY E 147 -17.89 43.93 5.04
CA GLY E 147 -18.89 42.89 4.90
C GLY E 147 -18.56 41.52 5.50
N GLY E 148 -17.40 41.42 6.14
CA GLY E 148 -17.02 40.18 6.82
C GLY E 148 -16.43 39.05 5.95
N TYR E 149 -15.97 39.37 4.74
CA TYR E 149 -15.39 38.33 3.86
C TYR E 149 -13.94 38.01 4.19
N ASN E 150 -13.34 38.79 5.09
CA ASN E 150 -11.98 38.52 5.55
C ASN E 150 -10.96 38.31 4.44
N LEU E 151 -10.93 39.21 3.46
CA LEU E 151 -9.99 39.08 2.35
C LEU E 151 -8.55 39.36 2.78
N ASN E 152 -7.61 38.55 2.28
CA ASN E 152 -6.21 38.88 2.45
C ASN E 152 -5.80 39.84 1.35
N ASP E 153 -4.59 40.38 1.40
CA ASP E 153 -4.20 41.41 0.44
C ASP E 153 -4.15 40.92 -1.01
N MET E 154 -3.86 39.63 -1.21
CA MET E 154 -3.79 39.10 -2.57
C MET E 154 -5.21 39.00 -3.14
N GLU E 155 -6.17 38.65 -2.29
CA GLU E 155 -7.56 38.59 -2.73
C GLU E 155 -8.09 39.99 -3.08
N LYS E 156 -7.71 40.98 -2.29
CA LYS E 156 -8.17 42.35 -2.52
C LYS E 156 -7.64 42.84 -3.86
N LYS E 157 -6.38 42.54 -4.15
CA LYS E 157 -5.77 42.92 -5.43
C LYS E 157 -6.42 42.21 -6.62
N ALA E 158 -6.68 40.91 -6.47
CA ALA E 158 -7.38 40.15 -7.52
C ALA E 158 -8.80 40.69 -7.74
N LEU E 159 -9.47 41.08 -6.65
CA LEU E 159 -10.82 41.64 -6.79
C LEU E 159 -10.80 42.95 -7.56
N ASP E 160 -9.86 43.82 -7.22
CA ASP E 160 -9.71 45.09 -7.94
C ASP E 160 -9.53 44.84 -9.43
N PHE E 161 -8.70 43.85 -9.74
CA PHE E 161 -8.40 43.45 -11.12
C PHE E 161 -9.68 43.09 -11.85
N LEU E 162 -10.47 42.21 -11.24
CA LEU E 162 -11.72 41.77 -11.85
C LEU E 162 -12.70 42.91 -12.01
N ILE E 163 -12.80 43.76 -10.99
CA ILE E 163 -13.71 44.89 -11.05
C ILE E 163 -13.27 45.88 -12.15
N SER E 164 -11.97 46.08 -12.29
CA SER E 164 -11.44 46.95 -13.34
C SER E 164 -11.73 46.40 -14.73
N LYS E 165 -11.58 45.09 -14.90
CA LYS E 165 -11.89 44.45 -16.18
C LYS E 165 -13.36 44.69 -16.56
N GLY E 166 -14.24 44.54 -15.58
CA GLY E 166 -15.66 44.79 -15.79
C GLY E 166 -15.96 46.23 -16.11
N GLU E 167 -15.30 47.15 -15.42
CA GLU E 167 -15.56 48.57 -15.62
C GLU E 167 -14.96 49.08 -16.92
N ASP E 168 -13.85 48.48 -17.35
CA ASP E 168 -13.11 48.97 -18.51
C ASP E 168 -13.67 48.42 -19.83
N SER E 169 -14.65 47.53 -19.76
CA SER E 169 -15.20 46.92 -20.96
C SER E 169 -16.07 47.91 -21.74
N ASN E 177 -20.20 37.96 -30.00
CA ASN E 177 -19.00 37.49 -29.30
C ASN E 177 -19.34 36.35 -28.33
N TYR E 178 -19.03 36.55 -27.05
CA TYR E 178 -19.40 35.59 -26.02
C TYR E 178 -20.49 36.13 -25.12
N SER E 179 -21.30 35.24 -24.57
CA SER E 179 -22.20 35.64 -23.51
C SER E 179 -22.09 34.66 -22.35
N LEU E 180 -23.00 34.81 -21.39
CA LEU E 180 -23.07 33.91 -20.24
C LEU E 180 -24.47 33.34 -20.13
N ASP E 181 -24.60 32.16 -19.57
CA ASP E 181 -25.91 31.63 -19.21
C ASP E 181 -26.48 32.34 -17.99
N ILE E 182 -27.80 32.48 -17.95
CA ILE E 182 -28.47 32.86 -16.72
C ILE E 182 -29.45 31.75 -16.34
N TYR E 183 -29.43 31.38 -15.07
CA TYR E 183 -30.32 30.35 -14.52
C TYR E 183 -31.40 31.03 -13.72
N VAL E 184 -32.62 30.99 -14.25
CA VAL E 184 -33.74 31.67 -13.63
C VAL E 184 -34.45 30.74 -12.68
N TYR E 185 -34.49 31.12 -11.40
CA TYR E 185 -35.11 30.28 -10.39
C TYR E 185 -36.59 30.06 -10.71
N GLN E 186 -37.01 28.80 -10.71
CA GLN E 186 -38.40 28.46 -11.03
C GLN E 186 -39.19 28.01 -9.80
N SER E 187 -38.64 27.06 -9.06
CA SER E 187 -39.42 26.39 -8.02
C SER E 187 -38.59 25.48 -7.13
N GLY E 188 -39.18 25.04 -6.02
CA GLY E 188 -38.55 24.03 -5.19
C GLY E 188 -37.45 24.57 -4.30
N GLY E 189 -36.74 23.66 -3.65
CA GLY E 189 -35.75 24.04 -2.65
C GLY E 189 -36.36 23.79 -1.28
N HIS E 190 -35.91 22.74 -0.60
CA HIS E 190 -36.47 22.40 0.72
C HIS E 190 -36.26 23.49 1.76
N ASP E 191 -35.07 24.10 1.73
CA ASP E 191 -34.69 25.06 2.75
C ASP E 191 -35.61 26.27 2.83
N HIS E 192 -36.00 26.82 1.68
CA HIS E 192 -36.75 28.08 1.67
C HIS E 192 -38.00 28.03 0.82
N MET E 193 -38.05 27.10 -0.12
CA MET E 193 -39.21 26.87 -0.98
C MET E 193 -39.66 28.04 -1.85
N LYS E 194 -38.92 29.13 -1.82
CA LYS E 194 -39.19 30.31 -2.65
C LYS E 194 -38.04 31.31 -2.58
N ASP E 195 -38.05 32.30 -3.47
CA ASP E 195 -37.10 33.42 -3.41
C ASP E 195 -35.62 33.00 -3.37
N TYR E 196 -35.25 31.98 -4.12
CA TYR E 196 -33.85 31.62 -4.27
C TYR E 196 -33.18 32.56 -5.26
N GLN E 197 -31.86 32.73 -5.11
CA GLN E 197 -31.06 33.46 -6.09
C GLN E 197 -31.27 32.93 -7.49
N ASN E 198 -31.31 33.85 -8.45
CA ASN E 198 -31.02 33.47 -9.82
C ASN E 198 -29.51 33.22 -9.88
N LEU E 199 -29.06 32.39 -10.81
CA LEU E 199 -27.64 32.05 -10.87
C LEU E 199 -27.02 32.53 -12.20
N LEU E 200 -25.77 32.96 -12.13
CA LEU E 200 -25.04 33.37 -13.32
C LEU E 200 -24.06 32.28 -13.75
N GLY E 201 -24.08 31.90 -15.03
CA GLY E 201 -23.13 30.91 -15.52
C GLY E 201 -21.72 31.47 -15.50
N SER E 202 -20.72 30.59 -15.50
CA SER E 202 -19.33 31.03 -15.48
C SER E 202 -18.59 30.63 -16.75
N THR E 203 -19.32 30.00 -17.67
CA THR E 203 -18.75 29.52 -18.93
C THR E 203 -19.03 30.51 -20.05
N LEU E 204 -17.99 30.90 -20.79
CA LEU E 204 -18.19 31.78 -21.93
C LEU E 204 -18.91 31.03 -23.05
N ILE E 205 -20.12 31.46 -23.38
CA ILE E 205 -20.90 30.82 -24.44
C ILE E 205 -20.77 31.57 -25.76
N PRO E 206 -20.20 30.90 -26.78
CA PRO E 206 -20.10 31.56 -28.09
C PRO E 206 -21.46 31.70 -28.75
N LYS E 207 -21.74 32.89 -29.29
CA LYS E 207 -22.92 33.10 -30.12
C LYS E 207 -22.64 34.17 -31.18
N ALA F 1 -30.97 -10.65 -19.14
CA ALA F 1 -30.58 -9.67 -18.13
C ALA F 1 -29.42 -10.17 -17.27
N LEU F 2 -29.51 -11.39 -16.73
CA LEU F 2 -28.51 -11.88 -15.78
C LEU F 2 -27.55 -12.89 -16.37
N TYR F 3 -26.29 -12.81 -15.95
CA TYR F 3 -25.21 -13.64 -16.45
C TYR F 3 -24.28 -14.07 -15.35
N TYR F 4 -23.66 -15.23 -15.51
CA TYR F 4 -22.45 -15.58 -14.76
C TYR F 4 -21.23 -15.02 -15.49
N GLY F 5 -20.24 -14.56 -14.73
CA GLY F 5 -18.97 -14.20 -15.32
C GLY F 5 -17.95 -15.23 -14.85
N TRP F 6 -16.99 -15.57 -15.69
CA TRP F 6 -16.00 -16.57 -15.33
C TRP F 6 -14.74 -16.41 -16.13
N ASN F 7 -13.62 -16.89 -15.60
CA ASN F 7 -12.42 -16.92 -16.42
C ASN F 7 -12.23 -18.33 -16.95
N ASP F 8 -11.64 -18.45 -18.13
CA ASP F 8 -11.67 -19.73 -18.83
C ASP F 8 -10.59 -20.69 -18.36
N GLY F 9 -9.77 -20.25 -17.41
CA GLY F 9 -8.79 -21.10 -16.79
C GLY F 9 -7.56 -21.41 -17.64
N THR F 10 -7.41 -20.72 -18.77
CA THR F 10 -6.29 -20.99 -19.67
C THR F 10 -5.06 -20.13 -19.37
N ARG F 11 -5.27 -19.01 -18.70
CA ARG F 11 -4.19 -18.08 -18.41
C ARG F 11 -3.62 -18.32 -17.02
N GLN F 12 -2.31 -18.16 -16.89
CA GLN F 12 -1.63 -18.48 -15.64
C GLN F 12 -1.17 -17.22 -14.94
N SER F 13 -1.47 -16.08 -15.54
CA SER F 13 -1.11 -14.79 -14.98
C SER F 13 -2.02 -13.74 -15.59
N SER F 14 -2.15 -12.61 -14.91
CA SER F 14 -2.93 -11.49 -15.41
C SER F 14 -2.42 -11.03 -16.76
N PRO F 15 -3.34 -10.68 -17.67
CA PRO F 15 -4.79 -10.70 -17.43
C PRO F 15 -5.41 -12.07 -17.73
N TYR F 16 -6.48 -12.41 -17.01
CA TYR F 16 -7.23 -13.62 -17.27
C TYR F 16 -8.25 -13.38 -18.37
N PHE F 17 -8.63 -14.45 -19.08
CA PHE F 17 -9.56 -14.34 -20.20
C PHE F 17 -10.97 -14.63 -19.71
N LEU F 18 -11.85 -13.63 -19.85
CA LEU F 18 -13.17 -13.66 -19.22
C LEU F 18 -14.30 -13.87 -20.21
N TYR F 19 -15.31 -14.61 -19.79
CA TYR F 19 -16.52 -14.84 -20.57
C TYR F 19 -17.73 -14.64 -19.68
N VAL F 20 -18.89 -14.38 -20.29
CA VAL F 20 -20.16 -14.45 -19.60
C VAL F 20 -21.02 -15.57 -20.19
N SER F 21 -21.93 -16.09 -19.36
CA SER F 21 -22.97 -17.03 -19.82
C SER F 21 -24.31 -16.58 -19.28
N PRO F 22 -25.36 -16.64 -20.11
CA PRO F 22 -26.71 -16.31 -19.62
C PRO F 22 -27.12 -17.23 -18.46
N LYS F 23 -27.53 -16.61 -17.36
CA LYS F 23 -27.75 -17.35 -16.12
C LYS F 23 -28.84 -18.41 -16.27
N ASN F 24 -29.84 -18.15 -17.11
CA ASN F 24 -30.96 -19.07 -17.25
C ASN F 24 -30.69 -20.28 -18.14
N ALA F 25 -29.60 -20.23 -18.90
CA ALA F 25 -29.17 -21.36 -19.70
C ALA F 25 -27.66 -21.34 -19.89
N PRO F 26 -26.92 -21.52 -18.78
CA PRO F 26 -25.46 -21.34 -18.83
C PRO F 26 -24.73 -22.46 -19.57
N LYS F 27 -24.06 -22.10 -20.66
CA LYS F 27 -23.21 -23.04 -21.35
C LYS F 27 -21.78 -22.53 -21.29
N ARG F 28 -20.80 -23.42 -21.35
CA ARG F 28 -19.42 -22.96 -21.43
C ARG F 28 -19.05 -22.65 -22.88
N GLU F 29 -19.72 -21.65 -23.45
CA GLU F 29 -19.56 -21.31 -24.86
C GLU F 29 -18.50 -20.23 -25.07
N LEU F 30 -17.47 -20.58 -25.83
CA LEU F 30 -16.33 -19.69 -26.06
C LEU F 30 -16.50 -18.86 -27.33
N LYS F 31 -17.62 -18.17 -27.45
CA LYS F 31 -17.96 -17.41 -28.67
C LYS F 31 -17.62 -15.93 -28.48
N ASP F 32 -17.30 -15.25 -29.58
CA ASP F 32 -16.89 -13.84 -29.53
C ASP F 32 -17.90 -12.97 -28.80
N GLU F 33 -19.19 -13.29 -28.95
CA GLU F 33 -20.23 -12.46 -28.34
C GLU F 33 -20.18 -12.53 -26.81
N TYR F 34 -19.54 -13.55 -26.27
CA TYR F 34 -19.47 -13.74 -24.83
C TYR F 34 -18.11 -13.35 -24.26
N VAL F 35 -17.21 -12.87 -25.11
CA VAL F 35 -15.93 -12.34 -24.64
C VAL F 35 -16.18 -11.03 -23.89
N VAL F 36 -15.63 -10.92 -22.68
CA VAL F 36 -15.75 -9.66 -21.95
C VAL F 36 -14.41 -9.34 -21.31
N TYR F 37 -14.29 -8.12 -20.76
CA TYR F 37 -13.03 -7.68 -20.19
C TYR F 37 -13.19 -7.19 -18.77
N CYS F 38 -12.11 -7.23 -18.01
CA CYS F 38 -12.14 -6.66 -16.67
C CYS F 38 -12.22 -5.13 -16.76
N PHE F 39 -13.26 -4.55 -16.17
CA PHE F 39 -13.46 -3.09 -16.25
C PHE F 39 -12.88 -2.38 -15.03
N ASN F 40 -12.44 -3.15 -14.04
CA ASN F 40 -11.91 -2.63 -12.78
C ASN F 40 -10.62 -3.34 -12.38
N LYS F 41 -9.48 -2.80 -12.80
CA LYS F 41 -8.16 -3.36 -12.53
C LYS F 41 -7.95 -3.80 -11.09
N LYS F 42 -8.47 -3.04 -10.13
CA LYS F 42 -8.13 -3.27 -8.74
C LYS F 42 -9.11 -4.21 -8.02
N LEU F 43 -10.14 -4.68 -8.71
CA LEU F 43 -11.11 -5.59 -8.07
C LEU F 43 -10.86 -7.04 -8.47
N TYR F 44 -11.62 -7.98 -7.91
CA TYR F 44 -11.31 -9.39 -8.08
C TYR F 44 -11.73 -9.96 -9.41
N TRP F 45 -10.87 -10.80 -9.98
CA TRP F 45 -11.20 -11.55 -11.19
C TRP F 45 -12.32 -12.55 -10.94
N PRO F 46 -13.25 -12.69 -11.90
CA PRO F 46 -14.23 -13.78 -11.81
C PRO F 46 -13.54 -15.15 -11.69
N ASP F 47 -14.19 -16.02 -10.93
CA ASP F 47 -13.74 -17.39 -10.70
C ASP F 47 -13.56 -18.16 -11.99
N GLN F 48 -12.69 -19.18 -11.98
CA GLN F 48 -12.53 -20.01 -13.17
C GLN F 48 -13.67 -21.01 -13.35
N TRP F 49 -13.98 -21.31 -14.61
CA TRP F 49 -14.84 -22.43 -15.00
C TRP F 49 -13.97 -23.34 -15.84
N GLU F 50 -13.57 -24.47 -15.25
CA GLU F 50 -12.56 -25.33 -15.87
C GLU F 50 -13.16 -26.04 -17.06
N SER F 51 -12.36 -26.16 -18.12
CA SER F 51 -12.81 -26.78 -19.36
C SER F 51 -13.24 -28.24 -19.16
N ILE F 52 -12.70 -28.88 -18.14
CA ILE F 52 -13.03 -30.28 -17.83
C ILE F 52 -14.51 -30.46 -17.47
N TYR F 53 -15.17 -29.36 -17.09
CA TYR F 53 -16.60 -29.38 -16.87
C TYR F 53 -17.32 -28.78 -18.08
N SER F 54 -17.64 -29.64 -19.05
CA SER F 54 -18.26 -29.21 -20.31
C SER F 54 -19.57 -28.48 -20.10
N ASN F 55 -20.36 -28.99 -19.17
CA ASN F 55 -21.66 -28.40 -18.85
C ASN F 55 -21.64 -27.82 -17.44
N PHE F 56 -22.42 -26.78 -17.23
CA PHE F 56 -22.54 -26.13 -15.92
C PHE F 56 -22.87 -27.14 -14.81
N ASN F 57 -23.74 -28.09 -15.13
CA ASN F 57 -24.17 -29.08 -14.17
C ASN F 57 -23.02 -29.99 -13.74
N ASP F 58 -21.96 -30.00 -14.52
CA ASP F 58 -20.81 -30.86 -14.21
C ASP F 58 -19.93 -30.22 -13.13
N ILE F 59 -19.97 -28.89 -13.03
CA ILE F 59 -19.15 -28.21 -12.02
C ILE F 59 -19.60 -28.65 -10.65
N ARG F 60 -18.65 -29.09 -9.82
CA ARG F 60 -19.01 -29.52 -8.49
C ARG F 60 -19.09 -28.34 -7.53
N SER F 61 -20.08 -28.38 -6.66
CA SER F 61 -20.17 -27.43 -5.56
C SER F 61 -18.89 -27.51 -4.74
N PRO F 62 -18.36 -26.36 -4.28
CA PRO F 62 -18.95 -25.02 -4.31
C PRO F 62 -18.50 -24.17 -5.48
N TYR F 63 -17.79 -24.74 -6.44
CA TYR F 63 -17.17 -23.94 -7.50
C TYR F 63 -18.16 -23.49 -8.57
N ASN F 64 -19.38 -24.03 -8.53
CA ASN F 64 -20.43 -23.56 -9.44
C ASN F 64 -21.05 -22.25 -8.94
N ASP F 65 -20.55 -21.76 -7.81
CA ASP F 65 -20.86 -20.41 -7.32
C ASP F 65 -20.02 -19.38 -8.08
N LEU F 66 -20.51 -18.97 -9.25
CA LEU F 66 -19.82 -17.99 -10.09
C LEU F 66 -20.42 -16.61 -9.86
N PRO F 67 -19.62 -15.55 -10.00
CA PRO F 67 -20.16 -14.20 -9.73
C PRO F 67 -21.26 -13.87 -10.72
N VAL F 68 -22.30 -13.17 -10.26
CA VAL F 68 -23.49 -12.91 -11.05
C VAL F 68 -23.53 -11.46 -11.48
N TYR F 69 -23.90 -11.24 -12.75
CA TYR F 69 -23.86 -9.93 -13.34
C TYR F 69 -25.19 -9.53 -13.97
N GLU F 70 -25.49 -8.24 -13.91
CA GLU F 70 -26.63 -7.71 -14.65
C GLU F 70 -26.11 -6.96 -15.88
N LYS F 71 -26.59 -7.36 -17.06
CA LYS F 71 -26.13 -6.70 -18.29
C LYS F 71 -26.93 -5.44 -18.53
N LYS F 72 -26.23 -4.33 -18.77
CA LYS F 72 -26.87 -3.04 -19.06
C LYS F 72 -26.20 -2.40 -20.27
N LEU F 73 -27.00 -1.73 -21.10
CA LEU F 73 -26.45 -0.99 -22.21
C LEU F 73 -25.60 0.15 -21.65
N GLY F 74 -24.34 0.21 -22.09
CA GLY F 74 -23.43 1.20 -21.58
C GLY F 74 -23.61 2.55 -22.22
N TYR F 75 -23.37 3.60 -21.42
CA TYR F 75 -23.30 4.96 -21.92
C TYR F 75 -22.34 5.70 -21.00
N ASP F 76 -21.92 6.90 -21.39
CA ASP F 76 -20.84 7.59 -20.71
C ASP F 76 -21.05 7.68 -19.20
N GLY F 77 -22.25 8.06 -18.79
CA GLY F 77 -22.57 8.18 -17.38
C GLY F 77 -22.33 6.92 -16.57
N ILE F 78 -22.80 5.78 -17.06
CA ILE F 78 -22.72 4.56 -16.28
C ILE F 78 -21.31 3.95 -16.35
N PHE F 79 -20.57 4.22 -17.42
CA PHE F 79 -19.18 3.78 -17.49
C PHE F 79 -18.36 4.45 -16.40
N LYS F 80 -18.55 5.76 -16.25
CA LYS F 80 -17.83 6.52 -15.26
C LYS F 80 -18.26 6.12 -13.85
N GLN F 81 -19.53 5.79 -13.68
CA GLN F 81 -20.03 5.40 -12.36
C GLN F 81 -19.39 4.09 -11.88
N TYR F 82 -19.24 3.12 -12.77
CA TYR F 82 -18.70 1.83 -12.36
C TYR F 82 -17.18 1.73 -12.55
N ALA F 83 -16.59 2.76 -13.16
CA ALA F 83 -15.13 2.86 -13.23
C ALA F 83 -14.70 4.23 -12.73
N PRO F 84 -14.81 4.47 -11.41
CA PRO F 84 -14.56 5.78 -10.83
C PRO F 84 -13.12 6.24 -11.01
N ASP F 85 -12.21 5.32 -11.33
CA ASP F 85 -10.81 5.66 -11.55
C ASP F 85 -10.52 5.91 -13.03
N TYR F 86 -11.55 6.21 -13.81
CA TYR F 86 -11.39 6.42 -15.24
C TYR F 86 -10.46 7.60 -15.53
N LYS F 87 -9.87 7.60 -16.71
CA LYS F 87 -8.92 8.63 -17.11
C LYS F 87 -9.62 9.98 -17.14
N LYS F 88 -9.29 10.85 -16.20
CA LYS F 88 -10.11 12.04 -15.93
C LYS F 88 -10.05 13.08 -17.04
N ASP F 89 -9.00 13.07 -17.86
CA ASP F 89 -8.85 14.07 -18.90
C ASP F 89 -9.51 13.63 -20.20
N ILE F 90 -10.20 12.49 -20.17
CA ILE F 90 -11.03 12.06 -21.30
C ILE F 90 -12.46 12.54 -21.04
N SER F 91 -12.97 13.42 -21.89
N SER F 91 -12.98 13.41 -21.89
CA SER F 91 -14.30 13.97 -21.69
CA SER F 91 -14.31 13.98 -21.70
C SER F 91 -15.40 12.94 -21.92
C SER F 91 -15.42 12.96 -21.95
N ASP F 92 -15.24 12.12 -22.96
CA ASP F 92 -16.25 11.14 -23.32
C ASP F 92 -15.67 9.72 -23.23
N ILE F 93 -15.79 9.10 -22.06
CA ILE F 93 -15.22 7.77 -21.85
C ILE F 93 -15.89 6.74 -22.75
N ALA F 94 -17.18 6.86 -22.98
CA ALA F 94 -17.88 5.91 -23.83
C ALA F 94 -17.33 5.88 -25.25
N SER F 95 -17.10 7.05 -25.85
N SER F 95 -17.09 7.05 -25.85
CA SER F 95 -16.56 7.12 -27.20
CA SER F 95 -16.56 7.09 -27.21
C SER F 95 -15.16 6.52 -27.25
C SER F 95 -15.15 6.51 -27.25
N ALA F 96 -14.38 6.78 -26.21
CA ALA F 96 -13.05 6.24 -26.10
C ALA F 96 -13.11 4.71 -26.06
N LEU F 97 -13.93 4.16 -25.17
CA LEU F 97 -14.01 2.70 -25.03
C LEU F 97 -14.53 2.03 -26.31
N VAL F 98 -15.51 2.65 -26.96
CA VAL F 98 -16.04 2.09 -28.21
C VAL F 98 -14.95 2.04 -29.28
N ALA F 99 -14.15 3.09 -29.32
CA ALA F 99 -13.03 3.14 -30.26
C ALA F 99 -12.04 2.00 -29.96
N VAL F 100 -11.77 1.76 -28.69
CA VAL F 100 -10.82 0.70 -28.32
C VAL F 100 -11.38 -0.66 -28.74
N LEU F 101 -12.64 -0.92 -28.43
CA LEU F 101 -13.20 -2.26 -28.69
C LEU F 101 -13.45 -2.50 -30.17
N SER F 102 -13.79 -1.43 -30.90
CA SER F 102 -13.97 -1.53 -32.35
C SER F 102 -12.69 -1.95 -33.04
N ASN F 103 -11.56 -1.48 -32.51
CA ASN F 103 -10.26 -1.76 -33.11
C ASN F 103 -9.53 -2.89 -32.43
N GLY F 104 -10.14 -3.42 -31.38
CA GLY F 104 -9.52 -4.49 -30.60
C GLY F 104 -10.17 -5.84 -30.78
N TYR F 105 -9.99 -6.69 -29.79
CA TYR F 105 -10.41 -8.08 -29.88
C TYR F 105 -11.76 -8.24 -29.19
N PRO F 106 -12.69 -8.98 -29.82
CA PRO F 106 -12.54 -9.80 -31.03
C PRO F 106 -13.04 -9.16 -32.32
N THR F 107 -13.64 -7.99 -32.23
CA THR F 107 -14.23 -7.33 -33.38
C THR F 107 -13.23 -7.20 -34.54
N ASN F 108 -12.01 -6.79 -34.21
CA ASN F 108 -10.97 -6.51 -35.21
C ASN F 108 -9.85 -7.55 -35.18
N LYS F 109 -10.17 -8.79 -34.82
CA LYS F 109 -9.12 -9.82 -34.65
C LYS F 109 -8.40 -10.16 -35.95
N SER F 110 -9.11 -10.12 -37.07
CA SER F 110 -8.51 -10.44 -38.36
C SER F 110 -7.40 -9.44 -38.71
N GLN F 111 -7.68 -8.16 -38.59
CA GLN F 111 -6.69 -7.14 -38.93
C GLN F 111 -5.53 -7.10 -37.93
N LEU F 112 -5.83 -7.36 -36.66
CA LEU F 112 -4.79 -7.41 -35.63
C LEU F 112 -3.78 -8.52 -35.92
N SER F 113 -4.29 -9.64 -36.41
CA SER F 113 -3.42 -10.73 -36.80
C SER F 113 -2.65 -10.35 -38.06
N THR F 114 -3.33 -9.74 -39.02
CA THR F 114 -2.69 -9.40 -40.27
C THR F 114 -1.63 -8.32 -40.09
N SER F 115 -2.01 -7.26 -39.39
CA SER F 115 -1.19 -6.05 -39.28
C SER F 115 -0.11 -6.15 -38.21
N TYR F 116 -0.45 -6.73 -37.07
CA TYR F 116 0.48 -6.73 -35.93
C TYR F 116 0.98 -8.12 -35.59
N HIS F 117 0.60 -9.10 -36.41
CA HIS F 117 0.97 -10.51 -36.22
C HIS F 117 0.64 -11.03 -34.84
N LEU F 118 -0.45 -10.53 -34.27
CA LEU F 118 -0.94 -11.04 -32.99
C LEU F 118 -1.88 -12.20 -33.23
N ASN F 119 -1.71 -13.30 -32.51
CA ASN F 119 -2.75 -14.31 -32.51
C ASN F 119 -3.88 -13.82 -31.59
N ASN F 120 -5.00 -14.55 -31.54
CA ASN F 120 -6.15 -14.09 -30.78
C ASN F 120 -5.86 -13.83 -29.30
N ASP F 121 -5.13 -14.74 -28.64
CA ASP F 121 -4.72 -14.53 -27.24
C ASP F 121 -3.94 -13.24 -27.02
N SER F 122 -2.98 -12.98 -27.91
CA SER F 122 -2.16 -11.78 -27.84
C SER F 122 -3.05 -10.54 -28.06
N SER F 123 -3.91 -10.58 -29.07
CA SER F 123 -4.85 -9.46 -29.32
C SER F 123 -5.74 -9.19 -28.10
N ARG F 124 -6.21 -10.26 -27.48
CA ARG F 124 -7.06 -10.13 -26.30
C ARG F 124 -6.34 -9.49 -25.10
N LYS F 125 -5.12 -9.96 -24.83
CA LYS F 125 -4.30 -9.36 -23.79
C LYS F 125 -4.13 -7.85 -24.02
N VAL F 126 -3.74 -7.47 -25.23
CA VAL F 126 -3.48 -6.06 -25.52
C VAL F 126 -4.76 -5.22 -25.40
N THR F 127 -5.87 -5.78 -25.82
CA THR F 127 -7.14 -5.07 -25.68
C THR F 127 -7.50 -4.81 -24.21
N GLN F 128 -7.28 -5.82 -23.36
CA GLN F 128 -7.52 -5.64 -21.92
C GLN F 128 -6.69 -4.49 -21.33
N LEU F 129 -5.42 -4.43 -21.72
CA LEU F 129 -4.55 -3.38 -21.21
C LEU F 129 -5.00 -2.01 -21.71
N ALA F 130 -5.43 -1.94 -22.97
CA ALA F 130 -5.89 -0.67 -23.52
C ALA F 130 -7.12 -0.19 -22.80
N ILE F 131 -8.03 -1.11 -22.49
CA ILE F 131 -9.21 -0.75 -21.73
C ILE F 131 -8.84 -0.13 -20.38
N TRP F 132 -7.88 -0.74 -19.68
CA TRP F 132 -7.46 -0.28 -18.35
C TRP F 132 -6.81 1.09 -18.38
N TYR F 133 -6.18 1.46 -19.50
CA TYR F 133 -5.67 2.83 -19.68
C TYR F 133 -6.80 3.82 -19.43
N PHE F 134 -8.00 3.47 -19.89
CA PHE F 134 -9.14 4.38 -19.76
C PHE F 134 -9.98 4.15 -18.48
N SER F 135 -10.12 2.89 -18.08
CA SER F 135 -11.00 2.53 -16.97
C SER F 135 -10.32 2.78 -15.63
N ASP F 136 -9.00 2.67 -15.62
CA ASP F 136 -8.25 2.75 -14.37
C ASP F 136 -7.05 3.69 -14.41
N SER F 137 -6.96 4.49 -15.47
CA SER F 137 -5.92 5.50 -15.58
C SER F 137 -4.52 4.89 -15.49
N LEU F 138 -4.38 3.66 -15.97
CA LEU F 138 -3.07 3.02 -15.94
C LEU F 138 -2.12 3.73 -16.89
N THR F 139 -0.89 3.97 -16.44
CA THR F 139 0.11 4.66 -17.23
C THR F 139 0.66 3.77 -18.34
N LYS F 140 1.15 4.39 -19.41
CA LYS F 140 1.84 3.59 -20.43
C LYS F 140 3.06 2.86 -19.85
N GLU F 141 3.78 3.51 -18.93
CA GLU F 141 4.95 2.86 -18.34
C GLU F 141 4.55 1.59 -17.60
N TYR F 142 3.46 1.65 -16.83
CA TYR F 142 3.00 0.47 -16.11
C TYR F 142 2.60 -0.64 -17.08
N LEU F 143 1.83 -0.30 -18.10
CA LEU F 143 1.36 -1.29 -19.07
C LEU F 143 2.51 -1.90 -19.89
N LYS F 144 3.45 -1.09 -20.33
CA LYS F 144 4.46 -1.57 -21.26
C LYS F 144 5.78 -1.96 -20.61
N ASP F 145 6.12 -1.33 -19.49
CA ASP F 145 7.46 -1.49 -18.91
C ASP F 145 7.50 -2.16 -17.53
N THR F 146 6.65 -1.71 -16.61
CA THR F 146 6.88 -2.06 -15.20
C THR F 146 5.86 -3.00 -14.55
N GLY F 147 4.75 -3.27 -15.24
CA GLY F 147 3.65 -4.03 -14.66
C GLY F 147 3.78 -5.53 -14.86
N GLY F 148 4.85 -5.95 -15.54
CA GLY F 148 5.14 -7.37 -15.70
C GLY F 148 4.40 -8.09 -16.82
N TYR F 149 3.91 -7.37 -17.81
CA TYR F 149 3.06 -7.99 -18.84
C TYR F 149 3.89 -8.55 -19.98
N ASN F 150 5.18 -8.23 -19.98
CA ASN F 150 6.13 -8.80 -20.93
C ASN F 150 5.68 -8.69 -22.39
N LEU F 151 5.24 -7.51 -22.79
CA LEU F 151 4.79 -7.28 -24.16
C LEU F 151 5.96 -7.34 -25.12
N ASN F 152 5.75 -7.94 -26.29
CA ASN F 152 6.75 -7.85 -27.35
C ASN F 152 6.54 -6.54 -28.12
N ASP F 153 7.35 -6.29 -29.16
CA ASP F 153 7.31 -4.98 -29.80
C ASP F 153 6.00 -4.78 -30.56
N MET F 154 5.51 -5.83 -31.22
CA MET F 154 4.23 -5.77 -31.93
C MET F 154 3.08 -5.51 -30.97
N GLU F 155 3.12 -6.12 -29.78
CA GLU F 155 2.05 -5.93 -28.80
C GLU F 155 2.05 -4.51 -28.26
N LYS F 156 3.25 -3.96 -28.03
CA LYS F 156 3.38 -2.56 -27.65
C LYS F 156 2.87 -1.62 -28.73
N LYS F 157 3.16 -1.92 -29.99
CA LYS F 157 2.67 -1.11 -31.11
C LYS F 157 1.14 -1.19 -31.21
N ALA F 158 0.62 -2.39 -31.00
CA ALA F 158 -0.82 -2.60 -31.03
C ALA F 158 -1.49 -1.85 -29.87
N LEU F 159 -0.84 -1.87 -28.71
CA LEU F 159 -1.38 -1.15 -27.53
C LEU F 159 -1.41 0.37 -27.75
N ASP F 160 -0.29 0.93 -28.21
CA ASP F 160 -0.25 2.35 -28.61
C ASP F 160 -1.34 2.69 -29.62
N PHE F 161 -1.54 1.79 -30.58
CA PHE F 161 -2.58 1.95 -31.60
C PHE F 161 -3.98 2.07 -30.98
N LEU F 162 -4.35 1.09 -30.17
CA LEU F 162 -5.66 1.10 -29.52
C LEU F 162 -5.86 2.32 -28.61
N ILE F 163 -4.84 2.67 -27.85
CA ILE F 163 -4.95 3.82 -26.95
C ILE F 163 -5.07 5.10 -27.76
N SER F 164 -4.32 5.20 -28.86
CA SER F 164 -4.46 6.33 -29.76
C SER F 164 -5.89 6.47 -30.29
N LYS F 165 -6.53 5.36 -30.64
CA LYS F 165 -7.89 5.41 -31.18
C LYS F 165 -8.87 5.91 -30.12
N GLY F 166 -8.70 5.44 -28.90
CA GLY F 166 -9.50 5.92 -27.78
C GLY F 166 -9.30 7.40 -27.51
N GLU F 167 -8.05 7.87 -27.57
CA GLU F 167 -7.78 9.27 -27.25
C GLU F 167 -8.22 10.19 -28.38
N ASP F 168 -8.14 9.70 -29.63
CA ASP F 168 -8.45 10.53 -30.79
C ASP F 168 -9.94 10.63 -31.09
N SER F 169 -10.76 9.82 -30.42
CA SER F 169 -12.19 9.88 -30.63
C SER F 169 -12.77 11.14 -29.99
N ASN F 177 -25.44 4.31 -34.51
CA ASN F 177 -24.24 4.45 -33.70
C ASN F 177 -24.15 3.28 -32.72
N TYR F 178 -22.96 3.03 -32.20
CA TYR F 178 -22.73 1.85 -31.36
C TYR F 178 -22.42 2.16 -29.91
N SER F 179 -22.70 1.19 -29.05
CA SER F 179 -22.20 1.24 -27.68
C SER F 179 -21.69 -0.12 -27.26
N LEU F 180 -21.36 -0.22 -25.98
CA LEU F 180 -20.90 -1.46 -25.38
C LEU F 180 -21.80 -1.79 -24.21
N ASP F 181 -21.96 -3.07 -23.92
CA ASP F 181 -22.66 -3.48 -22.72
C ASP F 181 -21.76 -3.31 -21.52
N ILE F 182 -22.34 -3.03 -20.36
CA ILE F 182 -21.59 -3.13 -19.13
C ILE F 182 -22.23 -4.21 -18.27
N TYR F 183 -21.42 -5.11 -17.73
CA TYR F 183 -21.93 -6.15 -16.85
C TYR F 183 -21.66 -5.72 -15.42
N VAL F 184 -22.72 -5.38 -14.71
CA VAL F 184 -22.61 -4.86 -13.37
C VAL F 184 -22.63 -6.00 -12.35
N TYR F 185 -21.56 -6.13 -11.57
CA TYR F 185 -21.47 -7.21 -10.59
C TYR F 185 -22.59 -7.09 -9.58
N GLN F 186 -23.30 -8.18 -9.35
CA GLN F 186 -24.42 -8.19 -8.41
C GLN F 186 -24.02 -8.84 -7.08
N SER F 187 -23.66 -10.12 -7.13
CA SER F 187 -23.35 -10.89 -5.93
C SER F 187 -22.81 -12.25 -6.32
N GLY F 188 -22.47 -13.07 -5.33
CA GLY F 188 -21.98 -14.41 -5.62
C GLY F 188 -20.51 -14.43 -5.99
N GLY F 189 -19.97 -15.64 -6.19
CA GLY F 189 -18.54 -15.83 -6.43
C GLY F 189 -17.91 -16.54 -5.24
N HIS F 190 -17.56 -17.80 -5.43
CA HIS F 190 -16.99 -18.59 -4.33
C HIS F 190 -15.65 -18.04 -3.81
N ASP F 191 -14.79 -17.62 -4.74
CA ASP F 191 -13.42 -17.27 -4.41
C ASP F 191 -13.33 -16.08 -3.47
N HIS F 192 -14.23 -15.10 -3.65
CA HIS F 192 -14.15 -13.84 -2.91
C HIS F 192 -15.48 -13.36 -2.33
N MET F 193 -16.58 -13.84 -2.91
CA MET F 193 -17.93 -13.54 -2.45
C MET F 193 -18.39 -12.08 -2.53
N LYS F 194 -17.49 -11.19 -2.93
CA LYS F 194 -17.83 -9.78 -3.05
C LYS F 194 -16.69 -9.04 -3.73
N ASP F 195 -16.96 -7.82 -4.17
CA ASP F 195 -15.92 -6.93 -4.70
C ASP F 195 -15.25 -7.47 -5.96
N TYR F 196 -16.04 -8.19 -6.75
CA TYR F 196 -15.60 -8.61 -8.09
C TYR F 196 -15.60 -7.44 -9.07
N GLN F 197 -14.76 -7.52 -10.09
CA GLN F 197 -14.79 -6.54 -11.16
C GLN F 197 -16.17 -6.43 -11.82
N ASN F 198 -16.58 -5.22 -12.19
CA ASN F 198 -17.56 -5.08 -13.25
C ASN F 198 -16.90 -5.44 -14.57
N LEU F 199 -17.68 -5.86 -15.55
CA LEU F 199 -17.11 -6.36 -16.78
C LEU F 199 -17.58 -5.51 -17.94
N LEU F 200 -16.69 -5.30 -18.91
CA LEU F 200 -17.00 -4.51 -20.10
C LEU F 200 -17.18 -5.45 -21.30
N GLY F 201 -18.32 -5.33 -21.98
CA GLY F 201 -18.58 -6.11 -23.17
C GLY F 201 -17.64 -5.76 -24.30
N SER F 202 -17.50 -6.67 -25.25
CA SER F 202 -16.57 -6.47 -26.37
C SER F 202 -17.32 -6.36 -27.70
N THR F 203 -18.65 -6.44 -27.65
CA THR F 203 -19.46 -6.42 -28.85
C THR F 203 -20.08 -5.06 -29.08
N LEU F 204 -19.97 -4.52 -30.30
CA LEU F 204 -20.57 -3.23 -30.60
C LEU F 204 -22.09 -3.40 -30.71
N ILE F 205 -22.82 -2.72 -29.84
CA ILE F 205 -24.28 -2.83 -29.81
C ILE F 205 -24.90 -1.67 -30.59
N PRO F 206 -25.76 -1.99 -31.56
CA PRO F 206 -26.45 -1.01 -32.41
C PRO F 206 -27.10 0.15 -31.65
C FMT G . 16.99 46.15 15.18
O1 FMT G . 18.14 45.74 15.29
O2 FMT G . 16.59 46.86 14.24
C FMT H . 4.24 -18.52 12.54
O1 FMT H . 4.72 -17.65 11.80
O2 FMT H . 3.20 -19.13 12.32
C FMT I . 23.16 12.97 -15.45
O1 FMT I . 24.29 12.73 -15.02
O2 FMT I . 22.30 13.58 -14.82
C FMT J . 25.09 -20.12 1.63
O1 FMT J . 26.19 -19.58 1.44
O2 FMT J . 24.09 -19.75 0.99
C FMT K . -2.70 3.46 -3.66
O1 FMT K . -2.26 4.16 -4.57
O2 FMT K . -2.02 2.70 -2.95
C FMT L . -0.97 7.57 1.48
O1 FMT L . 0.27 7.59 1.47
O2 FMT L . -1.69 8.50 1.12
C FMT M . 42.66 -10.25 28.29
O1 FMT M . 41.54 -10.49 27.87
O2 FMT M . 43.56 -11.09 28.37
C FMT N . -9.07 34.24 3.71
O1 FMT N . -9.56 33.17 3.33
O2 FMT N . -8.44 35.00 2.96
C FMT O . -15.33 22.71 -4.87
O1 FMT O . -14.95 23.24 -3.82
O2 FMT O . -16.32 21.99 -4.97
C FMT P . -7.16 47.55 -0.53
O1 FMT P . -7.17 47.05 -1.65
O2 FMT P . -8.17 47.87 0.10
C FMT Q . 2.39 -15.44 -27.66
O1 FMT Q . 2.76 -14.47 -26.98
O2 FMT Q . 2.09 -15.37 -28.84
C FMT R . -6.87 -19.95 -28.23
O1 FMT R . -7.04 -18.84 -28.73
O2 FMT R . -5.96 -20.22 -27.44
#